data_1PH5
#
_entry.id   1PH5
#
_cell.length_a   93.349
_cell.length_b   93.349
_cell.length_c   423.232
_cell.angle_alpha   90.00
_cell.angle_beta   90.00
_cell.angle_gamma   120.00
#
_symmetry.space_group_name_H-M   'P 61 2 2'
#
loop_
_entity.id
_entity.type
_entity.pdbx_description
1 polymer "5'-D(*GP*GP*GP*GP*TP*TP*TP*TP*GP*GP*GP*GP*T)-3'"
2 polymer "5'-D(*GP*GP*GP*GP*TP*TP*TP*TP*GP*(3DR)P*GP*G)-3'"
3 polymer 'Telomere-binding protein alpha subunit'
4 polymer 'Telomere-binding protein beta subunit'
5 non-polymer 'SODIUM ION'
6 non-polymer 'CHLORIDE ION'
7 water water
#
loop_
_entity_poly.entity_id
_entity_poly.type
_entity_poly.pdbx_seq_one_letter_code
_entity_poly.pdbx_strand_id
1 'polydeoxyribonucleotide' (DG)(DG)(DG)(DG)(DT)(DT)(DT)(DT)(DG)(DG)(DG)(DG)(DT) G,H
2 'polydeoxyribonucleotide' (DG)(DG)(DG)(DT)(DT)(DT)(DT)(DG)(3DR)(DG)(DG) D
3 'polypeptide(L)'
;YEYVELAKASLTSAQPQHFYAVVIDATFPYKTNQERYICSLKIVDPTLYLKQQKGAGDASDYATLVLYAKRFEDLPIIHR
AGDIIRVHRATLRLYNGQRQFNANVFYSSSWALFSTDKRSVTQEINNQDAVSDTTPFSFSSKHATIEKNEISILQNLRKW
ANQYFSSYSVISSDMYTALNKAQAQKGDFDVVAKILQVHELDEYTNELKLKDASGQVFYTLSLKLKFPHVRTGEVVRIRS
ATYDETSTQKKVLILSHYSNIITFIQSSKLAKELRAKIQDDHSVEVASLKKNVSLNAVVLTEVDKKHAALPSTSLQDLFH
HADSDKELQAQDTFRTQFYVTKIEPSDVKEWVKGYDRKTKKSSSLKGASGKGDNIFQVQFLVKDASTQLNNNTYRVLLYT
QDGLGANFFNVKADNLHKNADARKKLEDSAELLTKFNSYVDAVVERRNGFYLIKDTKLI
;
A
4 'polypeptide(L)'
;QQQSAFKQLYTELFNNEGDFSKVSSNLKKPLKCYVKESYPHFLVTDGYFFVAPYFTKEAVNEFHAKFPNVNIVDLTDKVI
VINNWSLELRRVNSAEVFTSYANLEARLIVHSFKPNLQERLNPTRYPVNLFRDDEFKTTIQHFRHTALQAAINKTVKGDN
LVDISKVADAAGKKGKVDAGIVKASASKGDEFSDFSFKEGNTATLKIADIFVQEKG
;
B
#
loop_
_chem_comp.id
_chem_comp.type
_chem_comp.name
_chem_comp.formula
3DR DNA linking 1',2'-DIDEOXYRIBOFURANOSE-5'-PHOSPHATE 'C5 H11 O6 P'
CL non-polymer 'CHLORIDE ION' 'Cl -1'
DG DNA linking 2'-DEOXYGUANOSINE-5'-MONOPHOSPHATE 'C10 H14 N5 O7 P'
DT DNA linking THYMIDINE-5'-MONOPHOSPHATE 'C10 H15 N2 O8 P'
NA non-polymer 'SODIUM ION' 'Na 1'
#
# COMPACT_ATOMS: atom_id res chain seq x y z
O5' 3DR B 9 -2.42 -3.22 -12.05
P 3DR B 9 -2.02 -4.73 -12.20
OP1 3DR B 9 -0.61 -4.80 -12.65
OP2 3DR B 9 -2.46 -5.45 -10.98
C2' 3DR B 9 1.12 -0.61 -11.07
C5' 3DR B 9 -1.51 -2.19 -12.36
C4' 3DR B 9 -1.11 -1.44 -11.11
O4' 3DR B 9 -0.27 -2.31 -10.30
C1' 3DR B 9 0.95 -1.67 -10.00
C3' 3DR B 9 -0.31 -0.18 -11.34
O3' 3DR B 9 -0.73 0.83 -10.45
N TYR D 1 -25.34 32.35 -16.30
CA TYR D 1 -25.53 31.14 -15.43
C TYR D 1 -26.19 31.46 -14.10
N GLU D 2 -27.38 30.90 -13.88
CA GLU D 2 -28.12 31.12 -12.66
C GLU D 2 -27.96 29.88 -11.78
N TYR D 3 -27.56 30.05 -10.53
CA TYR D 3 -27.37 28.92 -9.65
C TYR D 3 -28.52 28.75 -8.68
N VAL D 4 -29.04 27.52 -8.62
CA VAL D 4 -30.15 27.20 -7.75
C VAL D 4 -29.71 26.31 -6.59
N GLU D 5 -30.39 26.46 -5.44
CA GLU D 5 -30.09 25.67 -4.27
C GLU D 5 -30.67 24.28 -4.43
N LEU D 6 -29.99 23.28 -3.87
CA LEU D 6 -30.40 21.89 -3.98
C LEU D 6 -31.88 21.57 -3.72
N ALA D 7 -32.41 22.08 -2.62
CA ALA D 7 -33.79 21.81 -2.25
C ALA D 7 -34.80 22.56 -3.13
N LYS D 8 -34.34 23.61 -3.83
CA LYS D 8 -35.25 24.39 -4.66
C LYS D 8 -35.15 24.04 -6.16
N ALA D 9 -34.14 23.25 -6.53
CA ALA D 9 -33.97 22.86 -7.93
C ALA D 9 -35.28 22.26 -8.42
N SER D 10 -35.61 22.53 -9.68
CA SER D 10 -36.85 22.04 -10.25
C SER D 10 -36.82 20.56 -10.61
N LEU D 11 -37.86 19.85 -10.20
CA LEU D 11 -37.98 18.42 -10.49
C LEU D 11 -38.76 18.20 -11.78
N THR D 12 -39.56 19.19 -12.17
CA THR D 12 -40.40 19.06 -13.35
C THR D 12 -39.77 19.66 -14.60
N SER D 13 -39.06 20.77 -14.44
CA SER D 13 -38.43 21.45 -15.59
C SER D 13 -37.68 20.48 -16.50
N ALA D 14 -36.95 19.54 -15.91
CA ALA D 14 -36.17 18.58 -16.67
C ALA D 14 -35.14 19.31 -17.53
N GLN D 15 -35.10 20.63 -17.39
CA GLN D 15 -34.18 21.50 -18.11
C GLN D 15 -32.84 21.54 -17.40
N PRO D 16 -31.79 21.99 -18.08
CA PRO D 16 -30.45 22.07 -17.49
C PRO D 16 -30.42 23.04 -16.32
N GLN D 17 -29.92 22.56 -15.18
CA GLN D 17 -29.81 23.39 -13.99
C GLN D 17 -28.37 23.41 -13.48
N HIS D 18 -27.98 24.50 -12.83
CA HIS D 18 -26.62 24.63 -12.36
C HIS D 18 -26.63 24.90 -10.86
N PHE D 19 -25.56 24.55 -10.16
CA PHE D 19 -25.50 24.76 -8.72
C PHE D 19 -24.11 24.66 -8.09
N TYR D 20 -24.01 25.14 -6.85
CA TYR D 20 -22.79 25.07 -6.06
C TYR D 20 -23.17 24.16 -4.92
N ALA D 21 -22.25 23.28 -4.51
CA ALA D 21 -22.54 22.36 -3.40
C ALA D 21 -21.31 21.85 -2.72
N VAL D 22 -21.51 21.21 -1.58
CA VAL D 22 -20.42 20.64 -0.79
C VAL D 22 -20.40 19.13 -0.97
N VAL D 23 -19.22 18.58 -1.21
CA VAL D 23 -19.10 17.12 -1.37
C VAL D 23 -18.78 16.47 -0.04
N ILE D 24 -19.61 15.51 0.38
CA ILE D 24 -19.39 14.81 1.65
C ILE D 24 -18.97 13.36 1.38
N ASP D 25 -19.18 12.91 0.16
CA ASP D 25 -18.82 11.54 -0.20
C ASP D 25 -18.74 11.39 -1.70
N ALA D 26 -17.92 10.45 -2.16
CA ALA D 26 -17.78 10.22 -3.60
C ALA D 26 -16.98 8.99 -3.93
N THR D 27 -17.37 8.29 -4.97
CA THR D 27 -16.65 7.11 -5.40
C THR D 27 -15.50 7.64 -6.23
N PHE D 28 -14.56 6.77 -6.58
CA PHE D 28 -13.47 7.17 -7.42
C PHE D 28 -13.97 7.02 -8.86
N PRO D 29 -13.49 7.85 -9.79
CA PRO D 29 -13.96 7.70 -11.17
C PRO D 29 -13.64 6.31 -11.65
N TYR D 30 -14.66 5.54 -12.03
CA TYR D 30 -14.42 4.17 -12.50
C TYR D 30 -14.98 3.89 -13.88
N LYS D 31 -14.36 2.95 -14.57
CA LYS D 31 -14.79 2.57 -15.91
C LYS D 31 -15.90 1.51 -15.80
N THR D 32 -16.86 1.56 -16.71
CA THR D 32 -17.98 0.60 -16.74
C THR D 32 -17.98 -0.28 -17.98
N ASN D 33 -17.76 0.34 -19.13
CA ASN D 33 -17.72 -0.39 -20.39
C ASN D 33 -16.58 0.13 -21.27
N GLN D 34 -16.53 -0.34 -22.50
CA GLN D 34 -15.49 0.07 -23.43
C GLN D 34 -15.48 1.55 -23.79
N GLU D 35 -16.35 2.35 -23.18
CA GLU D 35 -16.38 3.76 -23.50
C GLU D 35 -16.91 4.72 -22.43
N ARG D 36 -17.33 4.20 -21.28
CA ARG D 36 -17.85 5.08 -20.25
C ARG D 36 -17.21 4.99 -18.87
N TYR D 37 -17.15 6.15 -18.21
CA TYR D 37 -16.61 6.25 -16.87
C TYR D 37 -17.66 6.94 -16.01
N ILE D 38 -17.72 6.60 -14.73
CA ILE D 38 -18.70 7.19 -13.85
C ILE D 38 -18.09 7.66 -12.53
N CYS D 39 -18.68 8.69 -11.96
CA CYS D 39 -18.28 9.20 -10.68
C CYS D 39 -19.56 9.58 -9.89
N SER D 40 -19.89 8.81 -8.86
CA SER D 40 -21.07 9.08 -8.05
C SER D 40 -20.67 9.72 -6.74
N LEU D 41 -21.32 10.83 -6.42
CA LEU D 41 -21.06 11.52 -5.18
C LEU D 41 -22.27 12.07 -4.44
N LYS D 42 -22.08 12.35 -3.15
CA LYS D 42 -23.15 12.89 -2.31
C LYS D 42 -22.86 14.37 -2.08
N ILE D 43 -23.87 15.21 -2.25
CA ILE D 43 -23.70 16.65 -2.08
C ILE D 43 -24.75 17.26 -1.16
N VAL D 44 -24.38 18.36 -0.52
CA VAL D 44 -25.26 19.07 0.38
C VAL D 44 -25.02 20.59 0.30
N ASP D 45 -25.98 21.35 0.82
CA ASP D 45 -25.89 22.81 0.84
C ASP D 45 -26.84 23.32 1.93
N PRO D 46 -26.84 24.65 2.18
CA PRO D 46 -27.70 25.25 3.20
C PRO D 46 -29.16 24.82 3.22
N THR D 47 -29.66 24.26 2.12
CA THR D 47 -31.05 23.83 2.08
C THR D 47 -31.25 22.31 2.17
N LEU D 48 -30.20 21.54 1.93
CA LEU D 48 -30.26 20.08 1.96
C LEU D 48 -28.99 19.53 2.58
N TYR D 49 -29.05 19.17 3.85
CA TYR D 49 -27.89 18.66 4.54
C TYR D 49 -28.19 17.75 5.73
N LEU D 50 -29.38 17.89 6.29
CA LEU D 50 -29.75 17.06 7.44
C LEU D 50 -31.21 16.62 7.38
N LYS D 51 -31.46 15.38 7.77
CA LYS D 51 -32.81 14.84 7.76
C LYS D 51 -33.64 15.37 8.93
N GLN D 52 -34.97 15.32 8.80
CA GLN D 52 -35.89 15.79 9.83
C GLN D 52 -35.48 15.34 11.23
N GLN D 53 -34.61 16.12 11.88
CA GLN D 53 -34.10 15.78 13.20
C GLN D 53 -35.10 15.84 14.35
N LYS D 54 -35.38 14.66 14.90
CA LYS D 54 -36.30 14.47 16.02
C LYS D 54 -36.27 12.96 16.22
N GLY D 55 -36.29 12.26 15.09
CA GLY D 55 -36.24 10.81 15.10
C GLY D 55 -35.17 10.39 14.12
N ALA D 56 -34.68 11.39 13.37
CA ALA D 56 -33.63 11.16 12.37
C ALA D 56 -32.32 10.69 13.02
N GLY D 57 -32.06 11.17 14.23
CA GLY D 57 -30.84 10.78 14.93
C GLY D 57 -29.62 11.54 14.41
N ASP D 58 -29.85 12.79 13.98
CA ASP D 58 -28.77 13.64 13.46
C ASP D 58 -28.15 13.04 12.19
N ALA D 59 -28.97 12.30 11.45
CA ALA D 59 -28.53 11.68 10.20
C ALA D 59 -28.51 12.77 9.14
N SER D 60 -27.44 12.81 8.35
CA SER D 60 -27.31 13.82 7.31
C SER D 60 -28.22 13.55 6.12
N ASP D 61 -28.73 14.61 5.52
CA ASP D 61 -29.59 14.49 4.35
C ASP D 61 -28.74 14.97 3.18
N TYR D 62 -28.99 14.47 1.98
CA TYR D 62 -28.19 14.86 0.86
C TYR D 62 -28.78 14.48 -0.48
N ALA D 63 -28.31 15.16 -1.53
CA ALA D 63 -28.71 14.87 -2.90
C ALA D 63 -27.53 14.10 -3.52
N THR D 64 -27.78 13.42 -4.64
CA THR D 64 -26.70 12.69 -5.28
C THR D 64 -26.33 13.30 -6.61
N LEU D 65 -25.08 13.13 -7.00
CA LEU D 65 -24.57 13.67 -8.26
C LEU D 65 -23.88 12.54 -9.02
N VAL D 66 -24.36 12.27 -10.23
CA VAL D 66 -23.77 11.21 -11.03
C VAL D 66 -23.24 11.83 -12.32
N LEU D 67 -21.91 11.89 -12.43
CA LEU D 67 -21.27 12.47 -13.60
C LEU D 67 -20.83 11.39 -14.56
N TYR D 68 -21.27 11.51 -15.82
CA TYR D 68 -20.92 10.54 -16.84
C TYR D 68 -19.92 11.15 -17.81
N ALA D 69 -18.97 10.35 -18.30
CA ALA D 69 -17.94 10.83 -19.22
C ALA D 69 -17.39 9.71 -20.09
N LYS D 70 -16.67 10.08 -21.13
CA LYS D 70 -16.09 9.10 -22.04
C LYS D 70 -14.65 8.86 -21.70
N ARG D 71 -14.07 9.76 -20.90
CA ARG D 71 -12.67 9.64 -20.50
C ARG D 71 -12.50 9.77 -18.99
N PHE D 72 -11.58 8.99 -18.43
CA PHE D 72 -11.29 9.01 -17.01
C PHE D 72 -10.97 10.41 -16.53
N GLU D 73 -10.16 11.10 -17.32
CA GLU D 73 -9.72 12.45 -16.98
C GLU D 73 -10.78 13.52 -17.02
N ASP D 74 -11.99 13.18 -17.45
CA ASP D 74 -13.06 14.16 -17.47
C ASP D 74 -13.93 14.14 -16.21
N LEU D 75 -13.52 13.36 -15.22
CA LEU D 75 -14.27 13.25 -13.98
C LEU D 75 -13.43 13.70 -12.79
N PRO D 76 -14.10 14.21 -11.76
CA PRO D 76 -13.45 14.70 -10.53
C PRO D 76 -12.94 13.62 -9.57
N ILE D 77 -11.74 13.84 -9.03
CA ILE D 77 -11.15 12.94 -8.07
C ILE D 77 -11.29 13.58 -6.71
N ILE D 78 -12.23 13.06 -5.91
CA ILE D 78 -12.46 13.61 -4.58
C ILE D 78 -11.56 12.95 -3.55
N HIS D 79 -10.58 13.69 -3.05
CA HIS D 79 -9.65 13.19 -2.04
C HIS D 79 -10.08 13.64 -0.65
N ARG D 80 -10.90 14.68 -0.58
CA ARG D 80 -11.30 15.22 0.70
C ARG D 80 -12.79 15.61 0.79
N ALA D 81 -13.42 15.28 1.90
CA ALA D 81 -14.81 15.63 2.16
C ALA D 81 -14.86 17.06 2.71
N GLY D 82 -15.81 17.83 2.21
CA GLY D 82 -15.96 19.20 2.68
C GLY D 82 -15.69 20.24 1.60
N ASP D 83 -14.93 19.84 0.58
CA ASP D 83 -14.63 20.76 -0.52
C ASP D 83 -15.91 21.05 -1.30
N ILE D 84 -15.83 22.01 -2.23
CA ILE D 84 -16.98 22.45 -3.01
C ILE D 84 -16.88 22.12 -4.49
N ILE D 85 -18.02 21.81 -5.09
CA ILE D 85 -18.09 21.48 -6.50
C ILE D 85 -19.13 22.34 -7.19
N ARG D 86 -18.81 22.83 -8.39
CA ARG D 86 -19.72 23.65 -9.16
C ARG D 86 -20.09 22.88 -10.43
N VAL D 87 -21.38 22.68 -10.67
CA VAL D 87 -21.83 21.93 -11.81
C VAL D 87 -22.65 22.78 -12.77
N HIS D 88 -22.43 22.57 -14.06
CA HIS D 88 -23.14 23.29 -15.10
C HIS D 88 -23.95 22.32 -15.94
N ARG D 89 -25.16 22.73 -16.29
CA ARG D 89 -26.04 21.93 -17.13
C ARG D 89 -26.32 20.52 -16.60
N ALA D 90 -26.86 20.45 -15.39
CA ALA D 90 -27.20 19.17 -14.80
C ALA D 90 -28.74 19.03 -14.75
N THR D 91 -29.25 17.85 -15.08
CA THR D 91 -30.69 17.63 -15.05
C THR D 91 -31.03 16.81 -13.80
N LEU D 92 -32.00 17.28 -13.03
CA LEU D 92 -32.40 16.62 -11.80
C LEU D 92 -33.62 15.73 -11.95
N ARG D 93 -33.64 14.65 -11.20
CA ARG D 93 -34.76 13.73 -11.23
C ARG D 93 -34.76 12.92 -9.94
N LEU D 94 -35.93 12.44 -9.54
CA LEU D 94 -36.07 11.64 -8.34
C LEU D 94 -35.69 10.19 -8.57
N TYR D 95 -34.73 9.70 -7.78
CA TYR D 95 -34.28 8.31 -7.89
C TYR D 95 -34.43 7.64 -6.55
N ASN D 96 -35.40 6.75 -6.47
CA ASN D 96 -35.69 6.02 -5.24
C ASN D 96 -35.85 6.92 -4.02
N GLY D 97 -36.72 7.90 -4.15
CA GLY D 97 -36.98 8.80 -3.04
C GLY D 97 -36.04 9.98 -2.84
N GLN D 98 -34.94 10.05 -3.56
CA GLN D 98 -34.04 11.17 -3.38
C GLN D 98 -33.70 11.96 -4.64
N ARG D 99 -33.33 13.22 -4.44
CA ARG D 99 -33.00 14.10 -5.54
C ARG D 99 -31.66 13.73 -6.16
N GLN D 100 -31.71 13.17 -7.37
CA GLN D 100 -30.52 12.72 -8.09
C GLN D 100 -30.17 13.62 -9.26
N PHE D 101 -29.05 14.34 -9.15
CA PHE D 101 -28.60 15.20 -10.24
C PHE D 101 -27.71 14.40 -11.18
N ASN D 102 -27.97 14.51 -12.48
CA ASN D 102 -27.19 13.80 -13.47
C ASN D 102 -26.54 14.77 -14.44
N ALA D 103 -25.32 14.48 -14.87
CA ALA D 103 -24.62 15.35 -15.80
C ALA D 103 -23.72 14.56 -16.73
N ASN D 104 -23.90 14.76 -18.03
CA ASN D 104 -23.08 14.10 -19.04
C ASN D 104 -21.95 15.02 -19.46
N VAL D 105 -20.77 14.77 -18.89
CA VAL D 105 -19.60 15.58 -19.18
C VAL D 105 -19.18 15.35 -20.65
N PHE D 106 -19.55 14.20 -21.22
CA PHE D 106 -19.16 13.91 -22.59
C PHE D 106 -19.99 14.73 -23.58
N TYR D 107 -21.03 15.38 -23.09
CA TYR D 107 -21.86 16.18 -23.98
C TYR D 107 -21.69 17.70 -23.77
N SER D 108 -22.43 18.25 -22.81
CA SER D 108 -22.33 19.70 -22.57
C SER D 108 -22.19 20.07 -21.11
N SER D 109 -22.21 19.07 -20.23
CA SER D 109 -22.11 19.35 -18.80
C SER D 109 -20.65 19.55 -18.38
N SER D 110 -20.44 20.35 -17.33
CA SER D 110 -19.10 20.57 -16.84
C SER D 110 -19.11 20.74 -15.31
N TRP D 111 -17.94 20.61 -14.70
CA TRP D 111 -17.82 20.75 -13.26
C TRP D 111 -16.52 21.46 -12.90
N ALA D 112 -16.42 21.89 -11.65
CA ALA D 112 -15.23 22.60 -11.17
C ALA D 112 -15.17 22.45 -9.65
N LEU D 113 -14.00 22.08 -9.14
CA LEU D 113 -13.82 21.88 -7.70
C LEU D 113 -13.09 23.06 -7.08
N PHE D 114 -13.59 23.50 -5.93
CA PHE D 114 -12.97 24.59 -5.19
C PHE D 114 -12.57 24.11 -3.80
N SER D 115 -11.41 24.58 -3.34
CA SER D 115 -10.91 24.20 -2.02
C SER D 115 -11.62 24.98 -0.90
N THR D 116 -12.11 24.27 0.10
CA THR D 116 -12.74 24.89 1.25
C THR D 116 -11.65 25.41 2.18
N ASP D 117 -10.58 24.64 2.33
CA ASP D 117 -9.47 25.06 3.16
C ASP D 117 -8.57 25.94 2.30
N LYS D 118 -7.48 26.41 2.90
CA LYS D 118 -6.55 27.26 2.20
C LYS D 118 -5.97 26.61 0.96
N ARG D 119 -5.65 25.33 1.08
CA ARG D 119 -5.07 24.59 -0.03
C ARG D 119 -5.85 23.31 -0.31
N SER D 120 -5.81 22.87 -1.56
CA SER D 120 -6.46 21.62 -1.95
C SER D 120 -5.56 20.52 -1.42
N VAL D 121 -6.06 19.29 -1.44
CA VAL D 121 -5.28 18.17 -0.96
C VAL D 121 -3.95 18.08 -1.72
N THR D 122 -4.02 18.23 -3.03
CA THR D 122 -2.82 18.17 -3.86
C THR D 122 -1.84 19.29 -3.56
N GLN D 123 -2.36 20.49 -3.37
CA GLN D 123 -1.51 21.63 -3.05
C GLN D 123 -0.84 21.47 -1.68
N GLU D 124 -1.41 20.64 -0.82
CA GLU D 124 -0.84 20.40 0.50
C GLU D 124 0.29 19.39 0.37
N ILE D 125 0.11 18.43 -0.53
CA ILE D 125 1.09 17.38 -0.74
C ILE D 125 2.33 17.94 -1.40
N ASN D 126 2.16 18.98 -2.19
CA ASN D 126 3.28 19.60 -2.90
C ASN D 126 3.74 20.90 -2.27
N ASN D 127 3.09 21.27 -1.17
CA ASN D 127 3.44 22.50 -0.47
C ASN D 127 3.36 23.71 -1.37
N GLN D 128 2.28 23.80 -2.13
CA GLN D 128 2.03 24.90 -3.06
C GLN D 128 1.06 25.89 -2.44
N ASP D 129 0.68 26.89 -3.22
CA ASP D 129 -0.28 27.90 -2.80
C ASP D 129 -1.33 28.05 -3.89
N ALA D 130 -2.58 28.24 -3.51
CA ALA D 130 -3.66 28.38 -4.48
C ALA D 130 -3.53 29.71 -5.20
N VAL D 131 -3.85 29.73 -6.49
CA VAL D 131 -3.78 30.96 -7.28
C VAL D 131 -4.55 32.07 -6.58
N SER D 132 -5.77 31.76 -6.15
CA SER D 132 -6.63 32.71 -5.45
C SER D 132 -7.76 31.93 -4.79
N ASP D 133 -8.66 32.62 -4.12
CA ASP D 133 -9.76 31.96 -3.43
C ASP D 133 -10.92 31.71 -4.41
N THR D 134 -10.82 32.23 -5.61
CA THR D 134 -11.86 32.03 -6.63
C THR D 134 -11.33 31.18 -7.77
N THR D 135 -10.16 30.60 -7.57
CA THR D 135 -9.55 29.74 -8.59
C THR D 135 -9.84 28.26 -8.32
N PRO D 136 -10.44 27.55 -9.30
CA PRO D 136 -10.74 26.13 -9.15
C PRO D 136 -9.46 25.35 -9.18
N PHE D 137 -9.29 24.37 -8.29
CA PHE D 137 -8.06 23.60 -8.29
C PHE D 137 -8.16 22.44 -9.29
N SER D 138 -9.37 22.24 -9.82
CA SER D 138 -9.62 21.18 -10.79
C SER D 138 -10.96 21.47 -11.49
N PHE D 139 -11.07 21.09 -12.76
CA PHE D 139 -12.26 21.32 -13.53
C PHE D 139 -12.26 20.56 -14.85
N SER D 140 -13.45 20.33 -15.41
CA SER D 140 -13.58 19.61 -16.66
C SER D 140 -13.46 20.60 -17.82
N SER D 141 -13.22 20.07 -19.02
CA SER D 141 -13.03 20.87 -20.22
C SER D 141 -11.75 21.73 -20.13
N LYS D 142 -11.39 22.36 -21.24
CA LYS D 142 -10.18 23.19 -21.30
C LYS D 142 -10.30 24.54 -20.59
N HIS D 143 -11.52 24.96 -20.31
CA HIS D 143 -11.71 26.26 -19.67
C HIS D 143 -12.76 26.23 -18.56
N ALA D 144 -12.54 27.09 -17.56
CA ALA D 144 -13.46 27.23 -16.43
C ALA D 144 -13.59 28.75 -16.18
N THR D 145 -14.82 29.25 -16.21
CA THR D 145 -15.05 30.68 -15.99
C THR D 145 -15.75 30.97 -14.67
N ILE D 146 -15.32 32.04 -14.01
CA ILE D 146 -15.92 32.45 -12.75
C ILE D 146 -16.32 33.93 -12.84
N GLU D 147 -17.61 34.21 -12.84
CA GLU D 147 -18.10 35.58 -12.92
C GLU D 147 -18.04 36.25 -11.54
N LYS D 148 -18.05 37.57 -11.53
CA LYS D 148 -17.98 38.36 -10.30
C LYS D 148 -19.13 38.06 -9.34
N ASN D 149 -20.33 37.84 -9.89
CA ASN D 149 -21.49 37.56 -9.05
C ASN D 149 -21.42 36.21 -8.35
N GLU D 150 -20.40 35.43 -8.64
CA GLU D 150 -20.24 34.11 -8.02
C GLU D 150 -19.46 34.18 -6.72
N ILE D 151 -18.45 35.04 -6.68
CA ILE D 151 -17.61 35.18 -5.50
C ILE D 151 -18.40 35.14 -4.20
N SER D 152 -19.47 35.90 -4.11
CA SER D 152 -20.28 35.94 -2.89
C SER D 152 -20.86 34.55 -2.59
N ILE D 153 -21.25 33.83 -3.63
CA ILE D 153 -21.81 32.50 -3.48
C ILE D 153 -20.75 31.54 -2.96
N LEU D 154 -19.61 31.52 -3.64
CA LEU D 154 -18.50 30.65 -3.28
C LEU D 154 -18.00 30.94 -1.86
N GLN D 155 -17.69 32.20 -1.60
CA GLN D 155 -17.20 32.60 -0.27
C GLN D 155 -18.21 32.27 0.84
N ASN D 156 -19.49 32.40 0.53
CA ASN D 156 -20.52 32.10 1.52
C ASN D 156 -20.62 30.61 1.79
N LEU D 157 -20.76 29.81 0.74
CA LEU D 157 -20.86 28.36 0.90
C LEU D 157 -19.63 27.81 1.62
N ARG D 158 -18.49 28.47 1.42
CA ARG D 158 -17.26 28.04 2.08
C ARG D 158 -17.39 28.23 3.58
N LYS D 159 -17.99 29.35 3.96
CA LYS D 159 -18.17 29.65 5.38
C LYS D 159 -19.16 28.64 5.97
N TRP D 160 -20.20 28.32 5.19
CA TRP D 160 -21.21 27.37 5.63
C TRP D 160 -20.58 25.97 5.81
N ALA D 161 -19.80 25.55 4.80
CA ALA D 161 -19.14 24.24 4.84
C ALA D 161 -18.38 24.05 6.15
N ASN D 162 -17.73 25.11 6.63
CA ASN D 162 -16.95 25.00 7.87
C ASN D 162 -17.85 24.99 9.10
N GLN D 163 -18.96 25.71 9.02
CA GLN D 163 -19.91 25.76 10.15
C GLN D 163 -20.59 24.41 10.26
N TYR D 164 -20.83 23.80 9.09
CA TYR D 164 -21.49 22.50 9.01
C TYR D 164 -20.60 21.36 9.55
N PHE D 165 -19.40 21.24 9.01
CA PHE D 165 -18.49 20.19 9.44
C PHE D 165 -18.03 20.31 10.89
N SER D 166 -18.03 21.54 11.41
CA SER D 166 -17.60 21.76 12.80
C SER D 166 -18.72 21.51 13.80
N SER D 167 -19.96 21.68 13.35
CA SER D 167 -21.12 21.48 14.22
C SER D 167 -21.68 20.05 14.14
N TYR D 168 -21.64 19.45 12.96
CA TYR D 168 -22.15 18.10 12.78
C TYR D 168 -21.06 17.13 12.34
N SER D 169 -21.37 15.85 12.37
CA SER D 169 -20.44 14.82 11.94
C SER D 169 -20.32 14.78 10.43
N VAL D 170 -21.42 15.13 9.74
CA VAL D 170 -21.50 15.14 8.29
C VAL D 170 -21.56 13.68 7.82
N ILE D 171 -20.58 12.88 8.23
CA ILE D 171 -20.57 11.46 7.90
C ILE D 171 -21.14 10.77 9.13
N SER D 172 -22.46 10.71 9.20
CA SER D 172 -23.16 10.10 10.33
C SER D 172 -22.95 8.59 10.45
N SER D 173 -23.32 8.05 11.61
CA SER D 173 -23.15 6.64 11.90
C SER D 173 -23.80 5.70 10.90
N ASP D 174 -24.90 6.13 10.28
CA ASP D 174 -25.59 5.30 9.32
C ASP D 174 -24.83 5.25 7.98
N MET D 175 -23.73 5.99 7.88
CA MET D 175 -22.97 6.03 6.65
C MET D 175 -21.71 5.13 6.65
N TYR D 176 -21.47 4.45 7.76
CA TYR D 176 -20.30 3.57 7.83
C TYR D 176 -20.54 2.41 8.81
N THR D 177 -19.76 1.36 8.66
CA THR D 177 -19.88 0.17 9.52
C THR D 177 -18.68 0.00 10.45
N ALA D 178 -18.97 -0.38 11.70
CA ALA D 178 -17.91 -0.61 12.68
C ALA D 178 -17.04 -1.75 12.18
N LEU D 179 -15.71 -1.55 12.26
CA LEU D 179 -14.77 -2.57 11.81
C LEU D 179 -14.89 -3.94 12.46
N ASN D 180 -15.28 -3.95 13.74
CA ASN D 180 -15.41 -5.23 14.44
C ASN D 180 -16.73 -5.93 14.08
N LYS D 181 -17.45 -5.37 13.10
CA LYS D 181 -18.71 -5.95 12.64
C LYS D 181 -18.62 -6.17 11.14
N ALA D 182 -17.45 -5.86 10.57
CA ALA D 182 -17.25 -6.00 9.14
C ALA D 182 -17.52 -7.41 8.59
N GLN D 183 -17.16 -8.43 9.35
CA GLN D 183 -17.33 -9.80 8.93
C GLN D 183 -18.80 -10.20 8.87
N ALA D 184 -19.66 -9.39 9.48
CA ALA D 184 -21.10 -9.70 9.48
C ALA D 184 -21.84 -9.12 8.24
N GLN D 185 -21.14 -8.34 7.44
CA GLN D 185 -21.72 -7.75 6.24
C GLN D 185 -21.83 -8.73 5.08
N LYS D 186 -22.92 -8.60 4.32
CA LYS D 186 -23.18 -9.43 3.16
C LYS D 186 -22.27 -9.06 1.99
N GLY D 187 -22.17 -7.77 1.72
CA GLY D 187 -21.33 -7.30 0.64
C GLY D 187 -20.38 -6.21 1.08
N ASP D 188 -20.26 -5.16 0.30
CA ASP D 188 -19.35 -4.07 0.62
C ASP D 188 -19.96 -3.13 1.63
N PHE D 189 -19.12 -2.32 2.26
CA PHE D 189 -19.55 -1.38 3.28
C PHE D 189 -18.58 -0.21 3.34
N ASP D 190 -18.85 0.75 4.21
CA ASP D 190 -17.97 1.91 4.35
C ASP D 190 -17.28 1.93 5.71
N VAL D 191 -16.15 2.63 5.77
CA VAL D 191 -15.37 2.71 7.01
C VAL D 191 -14.95 4.14 7.32
N VAL D 192 -14.77 4.41 8.62
CA VAL D 192 -14.30 5.69 9.09
C VAL D 192 -13.31 5.36 10.19
N ALA D 193 -12.02 5.44 9.87
CA ALA D 193 -10.98 5.14 10.86
C ALA D 193 -9.73 6.01 10.70
N LYS D 194 -8.87 5.95 11.72
CA LYS D 194 -7.63 6.68 11.73
C LYS D 194 -6.53 5.82 11.13
N ILE D 195 -5.62 6.43 10.40
CA ILE D 195 -4.50 5.70 9.85
C ILE D 195 -3.40 5.66 10.90
N LEU D 196 -3.14 4.47 11.45
CA LEU D 196 -2.11 4.30 12.47
C LEU D 196 -0.75 4.09 11.85
N GLN D 197 -0.71 3.67 10.59
CA GLN D 197 0.56 3.38 9.92
C GLN D 197 0.43 3.23 8.40
N VAL D 198 1.38 3.81 7.68
CA VAL D 198 1.42 3.69 6.24
C VAL D 198 2.70 2.94 5.92
N HIS D 199 2.56 1.64 5.70
CA HIS D 199 3.70 0.77 5.39
C HIS D 199 3.91 0.59 3.88
N GLU D 200 5.07 1.02 3.39
CA GLU D 200 5.39 0.91 1.97
C GLU D 200 5.68 -0.55 1.65
N LEU D 201 4.66 -1.25 1.14
CA LEU D 201 4.77 -2.67 0.82
C LEU D 201 5.69 -2.87 -0.37
N ASP D 202 5.55 -2.03 -1.39
CA ASP D 202 6.41 -2.12 -2.58
C ASP D 202 6.39 -0.83 -3.39
N GLU D 203 7.10 -0.86 -4.51
CA GLU D 203 7.24 0.28 -5.41
C GLU D 203 5.94 1.06 -5.70
N TYR D 204 4.83 0.35 -5.85
CA TYR D 204 3.57 1.02 -6.17
C TYR D 204 2.46 0.82 -5.15
N THR D 205 2.73 0.22 -4.02
CA THR D 205 1.68 -0.05 -3.06
C THR D 205 2.00 0.24 -1.60
N ASN D 206 1.06 0.92 -0.95
CA ASN D 206 1.16 1.22 0.48
C ASN D 206 0.18 0.30 1.21
N GLU D 207 0.53 -0.14 2.41
CA GLU D 207 -0.37 -0.95 3.20
C GLU D 207 -0.76 -0.10 4.41
N LEU D 208 -2.02 0.31 4.46
CA LEU D 208 -2.55 1.10 5.55
C LEU D 208 -2.95 0.24 6.74
N LYS D 209 -2.65 0.75 7.93
CA LYS D 209 -3.02 0.06 9.17
C LYS D 209 -4.11 0.95 9.74
N LEU D 210 -5.36 0.45 9.71
CA LEU D 210 -6.50 1.23 10.19
C LEU D 210 -7.06 0.76 11.53
N LYS D 211 -7.70 1.68 12.23
CA LYS D 211 -8.32 1.39 13.50
C LYS D 211 -9.44 2.45 13.68
N ASP D 212 -10.67 2.00 13.83
CA ASP D 212 -11.79 2.93 13.98
C ASP D 212 -12.23 3.03 15.43
N ALA D 213 -13.41 3.64 15.64
CA ALA D 213 -13.95 3.82 16.98
C ALA D 213 -14.22 2.52 17.73
N SER D 214 -14.46 1.43 17.00
CA SER D 214 -14.76 0.16 17.63
C SER D 214 -13.51 -0.46 18.23
N GLY D 215 -12.37 0.16 17.96
CA GLY D 215 -11.11 -0.34 18.50
C GLY D 215 -10.48 -1.49 17.71
N GLN D 216 -11.12 -1.89 16.61
CA GLN D 216 -10.62 -2.97 15.78
C GLN D 216 -9.58 -2.49 14.75
N VAL D 217 -8.51 -3.26 14.59
CA VAL D 217 -7.46 -2.93 13.65
C VAL D 217 -7.66 -3.69 12.34
N PHE D 218 -7.42 -3.02 11.22
CA PHE D 218 -7.52 -3.65 9.91
C PHE D 218 -6.41 -3.14 9.00
N TYR D 219 -6.05 -3.96 8.01
CA TYR D 219 -5.05 -3.57 7.03
C TYR D 219 -5.72 -3.54 5.67
N THR D 220 -5.21 -2.72 4.76
CA THR D 220 -5.74 -2.68 3.41
C THR D 220 -4.66 -2.13 2.49
N LEU D 221 -4.67 -2.57 1.23
CA LEU D 221 -3.70 -2.08 0.25
C LEU D 221 -4.20 -0.82 -0.45
N SER D 222 -3.34 0.18 -0.53
CA SER D 222 -3.67 1.46 -1.13
C SER D 222 -2.60 1.88 -2.13
N LEU D 223 -2.94 1.87 -3.42
CA LEU D 223 -2.00 2.25 -4.47
C LEU D 223 -1.45 3.64 -4.22
N LYS D 224 -0.16 3.82 -4.49
CA LYS D 224 0.48 5.12 -4.29
C LYS D 224 -0.09 6.19 -5.18
N LEU D 225 -0.22 5.88 -6.47
CA LEU D 225 -0.72 6.86 -7.44
C LEU D 225 -2.18 7.24 -7.18
N LYS D 226 -3.02 6.25 -6.88
CA LYS D 226 -4.43 6.47 -6.65
C LYS D 226 -4.73 7.31 -5.42
N PHE D 227 -4.13 6.94 -4.29
CA PHE D 227 -4.34 7.66 -3.03
C PHE D 227 -3.02 8.21 -2.44
N PRO D 228 -2.43 9.24 -3.06
CA PRO D 228 -1.17 9.80 -2.60
C PRO D 228 -1.29 10.72 -1.37
N HIS D 229 -2.51 10.86 -0.85
CA HIS D 229 -2.75 11.74 0.27
C HIS D 229 -2.84 11.05 1.63
N VAL D 230 -2.69 9.73 1.65
CA VAL D 230 -2.76 9.01 2.92
C VAL D 230 -1.62 9.44 3.84
N ARG D 231 -1.94 9.68 5.11
CA ARG D 231 -0.93 10.12 6.09
C ARG D 231 -1.26 9.60 7.49
N THR D 232 -0.25 9.08 8.17
CA THR D 232 -0.43 8.55 9.53
C THR D 232 -0.98 9.63 10.46
N GLY D 233 -1.86 9.24 11.37
CA GLY D 233 -2.46 10.17 12.31
C GLY D 233 -3.74 10.82 11.81
N GLU D 234 -4.00 10.72 10.51
CA GLU D 234 -5.17 11.32 9.92
C GLU D 234 -6.36 10.35 9.84
N VAL D 235 -7.56 10.90 9.92
CA VAL D 235 -8.78 10.09 9.86
C VAL D 235 -9.35 10.15 8.45
N VAL D 236 -9.71 8.99 7.92
CA VAL D 236 -10.28 8.94 6.57
C VAL D 236 -11.59 8.15 6.51
N ARG D 237 -12.34 8.38 5.44
CA ARG D 237 -13.56 7.66 5.18
C ARG D 237 -13.28 6.78 3.96
N ILE D 238 -13.49 5.49 4.09
CA ILE D 238 -13.27 4.59 2.97
C ILE D 238 -14.62 4.19 2.38
N ARG D 239 -14.86 4.64 1.15
CA ARG D 239 -16.10 4.31 0.45
C ARG D 239 -15.95 2.97 -0.27
N SER D 240 -16.71 1.98 0.20
CA SER D 240 -16.78 0.66 -0.41
C SER D 240 -15.57 -0.20 -0.13
N ALA D 241 -15.75 -1.13 0.81
CA ALA D 241 -14.69 -2.04 1.18
C ALA D 241 -15.33 -3.39 1.50
N THR D 242 -14.58 -4.48 1.31
CA THR D 242 -15.10 -5.81 1.62
C THR D 242 -14.20 -6.54 2.61
N TYR D 243 -14.81 -7.41 3.42
CA TYR D 243 -14.08 -8.18 4.40
C TYR D 243 -13.43 -9.35 3.69
N ASP D 244 -12.12 -9.51 3.89
CA ASP D 244 -11.39 -10.62 3.25
C ASP D 244 -11.44 -11.89 4.09
N GLU D 245 -12.27 -12.84 3.69
CA GLU D 245 -12.43 -14.09 4.41
C GLU D 245 -11.27 -15.05 4.17
N THR D 246 -10.38 -14.70 3.24
CA THR D 246 -9.27 -15.57 2.91
C THR D 246 -7.97 -15.16 3.63
N SER D 247 -8.07 -14.22 4.56
CA SER D 247 -6.90 -13.79 5.32
C SER D 247 -7.11 -14.22 6.76
N THR D 248 -6.19 -15.03 7.28
CA THR D 248 -6.31 -15.56 8.63
C THR D 248 -5.24 -15.07 9.59
N GLN D 249 -4.16 -14.51 9.06
CA GLN D 249 -3.11 -14.03 9.93
C GLN D 249 -3.50 -12.65 10.42
N LYS D 250 -4.09 -11.86 9.52
CA LYS D 250 -4.53 -10.53 9.89
C LYS D 250 -5.84 -10.11 9.22
N LYS D 251 -6.51 -9.14 9.82
CA LYS D 251 -7.78 -8.63 9.32
C LYS D 251 -7.48 -7.73 8.13
N VAL D 252 -8.00 -8.10 6.97
CA VAL D 252 -7.77 -7.34 5.76
C VAL D 252 -9.05 -6.84 5.08
N LEU D 253 -8.98 -5.61 4.59
CA LEU D 253 -10.10 -4.99 3.87
C LEU D 253 -9.73 -5.00 2.39
N ILE D 254 -10.70 -5.32 1.55
CA ILE D 254 -10.45 -5.34 0.11
C ILE D 254 -11.12 -4.16 -0.56
N LEU D 255 -10.37 -3.41 -1.33
CA LEU D 255 -10.92 -2.26 -2.03
C LEU D 255 -11.05 -2.55 -3.50
N SER D 256 -11.96 -1.85 -4.19
CA SER D 256 -12.17 -2.07 -5.62
C SER D 256 -11.74 -0.84 -6.41
N HIS D 257 -11.73 -0.94 -7.73
CA HIS D 257 -11.32 0.18 -8.55
C HIS D 257 -12.23 1.40 -8.36
N TYR D 258 -13.46 1.19 -7.93
CA TYR D 258 -14.37 2.31 -7.70
C TYR D 258 -14.33 2.78 -6.25
N SER D 259 -13.62 2.06 -5.40
CA SER D 259 -13.49 2.42 -3.98
C SER D 259 -12.71 3.73 -3.85
N ASN D 260 -12.93 4.44 -2.74
CA ASN D 260 -12.26 5.72 -2.56
C ASN D 260 -11.91 6.00 -1.11
N ILE D 261 -10.77 6.64 -0.89
CA ILE D 261 -10.31 6.97 0.46
C ILE D 261 -10.32 8.48 0.58
N ILE D 262 -11.14 9.01 1.47
CA ILE D 262 -11.33 10.47 1.60
C ILE D 262 -11.00 11.02 2.97
N THR D 263 -10.31 12.16 2.98
CA THR D 263 -9.95 12.84 4.22
C THR D 263 -11.01 13.91 4.50
N PHE D 264 -10.85 14.65 5.60
CA PHE D 264 -11.81 15.67 5.97
C PHE D 264 -11.20 17.04 6.04
N ILE D 265 -12.02 18.08 5.83
CA ILE D 265 -11.52 19.44 5.91
C ILE D 265 -11.21 19.78 7.36
N GLN D 266 -10.25 20.68 7.54
CA GLN D 266 -9.79 21.12 8.87
C GLN D 266 -10.88 21.27 9.95
N SER D 267 -12.00 21.88 9.60
CA SER D 267 -13.07 22.11 10.55
C SER D 267 -13.88 20.87 10.97
N SER D 268 -13.63 19.74 10.33
CA SER D 268 -14.35 18.51 10.61
C SER D 268 -14.32 18.10 12.08
N LYS D 269 -15.49 18.13 12.70
CA LYS D 269 -15.63 17.76 14.09
C LYS D 269 -15.40 16.25 14.24
N LEU D 270 -15.94 15.49 13.29
CA LEU D 270 -15.80 14.04 13.29
C LEU D 270 -14.34 13.62 13.23
N ALA D 271 -13.59 14.23 12.32
CA ALA D 271 -12.19 13.90 12.16
C ALA D 271 -11.36 14.33 13.37
N LYS D 272 -11.72 15.47 13.95
CA LYS D 272 -11.01 16.01 15.11
C LYS D 272 -11.18 15.08 16.32
N GLU D 273 -12.41 14.69 16.61
CA GLU D 273 -12.68 13.81 17.74
C GLU D 273 -12.02 12.46 17.59
N LEU D 274 -11.98 11.95 16.36
CA LEU D 274 -11.40 10.64 16.11
C LEU D 274 -9.89 10.65 16.19
N ARG D 275 -9.28 11.76 15.78
CA ARG D 275 -7.82 11.84 15.84
C ARG D 275 -7.35 11.82 17.29
N ALA D 276 -8.25 12.22 18.19
CA ALA D 276 -7.94 12.25 19.62
C ALA D 276 -8.39 10.99 20.35
N LYS D 277 -9.65 10.63 20.15
CA LYS D 277 -10.22 9.45 20.81
C LYS D 277 -9.49 8.16 20.46
N ILE D 278 -9.28 7.91 19.17
CA ILE D 278 -8.61 6.68 18.72
C ILE D 278 -7.10 6.78 18.95
N GLN D 279 -6.57 5.85 19.74
CA GLN D 279 -5.15 5.85 20.03
C GLN D 279 -4.40 4.68 19.41
N ASP D 280 -3.12 4.92 19.12
CA ASP D 280 -2.26 3.92 18.51
C ASP D 280 -2.36 2.57 19.19
N ASP D 281 -2.24 1.51 18.40
CA ASP D 281 -2.34 0.15 18.92
C ASP D 281 -1.09 -0.61 18.47
N HIS D 282 -0.51 -1.39 19.38
CA HIS D 282 0.66 -2.18 19.08
C HIS D 282 0.43 -3.64 19.43
N SER D 283 -0.81 -3.97 19.81
CA SER D 283 -1.16 -5.33 20.17
C SER D 283 -0.77 -6.29 19.06
N VAL D 284 -1.04 -5.90 17.82
CA VAL D 284 -0.71 -6.74 16.68
C VAL D 284 0.79 -7.00 16.63
N GLU D 285 1.56 -5.94 16.75
CA GLU D 285 3.01 -6.04 16.71
C GLU D 285 3.55 -6.92 17.83
N VAL D 286 3.13 -6.64 19.06
CA VAL D 286 3.59 -7.39 20.22
C VAL D 286 3.35 -8.89 20.03
N ALA D 287 2.15 -9.24 19.59
CA ALA D 287 1.80 -10.64 19.38
C ALA D 287 2.61 -11.29 18.27
N SER D 288 3.06 -10.49 17.31
CA SER D 288 3.83 -11.01 16.19
C SER D 288 5.25 -11.42 16.59
N LEU D 289 5.85 -10.69 17.52
CA LEU D 289 7.20 -10.98 17.96
C LEU D 289 7.31 -12.34 18.64
N LYS D 290 6.18 -13.04 18.76
CA LYS D 290 6.15 -14.36 19.37
C LYS D 290 6.13 -15.45 18.32
N LYS D 291 5.75 -15.09 17.10
CA LYS D 291 5.70 -16.04 16.00
C LYS D 291 7.02 -16.10 15.23
N ASN D 292 7.36 -17.29 14.76
CA ASN D 292 8.60 -17.48 14.01
C ASN D 292 8.53 -16.73 12.70
N VAL D 293 7.33 -16.59 12.15
CA VAL D 293 7.10 -15.90 10.88
C VAL D 293 5.85 -15.05 10.96
N SER D 294 6.05 -13.73 11.01
CA SER D 294 4.93 -12.80 11.10
C SER D 294 4.55 -12.22 9.74
N LEU D 295 3.32 -12.47 9.31
CA LEU D 295 2.85 -11.92 8.04
C LEU D 295 2.44 -10.47 8.22
N ASN D 296 2.63 -9.97 9.44
CA ASN D 296 2.31 -8.58 9.76
C ASN D 296 3.61 -7.79 9.94
N ALA D 297 3.68 -6.64 9.30
CA ALA D 297 4.87 -5.80 9.40
C ALA D 297 4.99 -5.19 10.80
N VAL D 298 6.20 -5.05 11.28
CA VAL D 298 6.43 -4.46 12.58
C VAL D 298 7.50 -3.35 12.52
N VAL D 299 7.10 -2.15 12.87
CA VAL D 299 8.03 -1.04 12.90
C VAL D 299 8.62 -0.99 14.31
N LEU D 300 9.85 -1.49 14.45
CA LEU D 300 10.50 -1.56 15.74
C LEU D 300 10.96 -0.21 16.29
N THR D 301 11.15 0.81 15.46
CA THR D 301 11.61 2.06 16.07
C THR D 301 10.63 3.25 15.99
N GLU D 302 11.10 4.37 16.52
CA GLU D 302 10.35 5.61 16.60
C GLU D 302 11.33 6.78 16.61
N VAL D 303 11.15 7.71 15.66
CA VAL D 303 12.01 8.87 15.57
C VAL D 303 11.57 9.97 16.52
N ASP D 304 12.51 10.81 16.91
CA ASP D 304 12.23 11.91 17.83
C ASP D 304 11.13 12.79 17.27
N LYS D 305 10.23 13.21 18.16
CA LYS D 305 9.09 14.05 17.76
C LYS D 305 9.45 15.22 16.87
N LYS D 306 10.63 15.79 17.08
CA LYS D 306 11.06 16.94 16.30
C LYS D 306 11.28 16.61 14.82
N HIS D 307 11.22 15.33 14.47
CA HIS D 307 11.44 14.93 13.09
C HIS D 307 10.16 14.40 12.44
N ALA D 308 9.10 14.24 13.25
CA ALA D 308 7.82 13.73 12.75
C ALA D 308 7.29 14.47 11.52
N ALA D 309 7.71 15.72 11.36
CA ALA D 309 7.27 16.52 10.22
C ALA D 309 8.26 16.47 9.08
N LEU D 310 9.24 15.58 9.18
CA LEU D 310 10.26 15.44 8.15
C LEU D 310 9.85 14.33 7.17
N PRO D 311 9.88 14.61 5.87
CA PRO D 311 9.51 13.63 4.86
C PRO D 311 10.56 12.54 4.76
N SER D 312 10.19 11.37 4.24
CA SER D 312 11.12 10.25 4.13
C SER D 312 11.79 10.18 2.75
N THR D 313 13.00 9.65 2.74
CA THR D 313 13.78 9.49 1.51
C THR D 313 14.16 8.03 1.35
N SER D 314 13.83 7.45 0.20
CA SER D 314 14.12 6.04 -0.08
C SER D 314 15.64 5.79 -0.14
N LEU D 315 16.01 4.52 0.00
CA LEU D 315 17.41 4.14 -0.06
C LEU D 315 17.94 4.39 -1.46
N GLN D 316 17.06 4.27 -2.45
CA GLN D 316 17.43 4.50 -3.84
C GLN D 316 17.96 5.91 -3.99
N ASP D 317 17.27 6.88 -3.38
CA ASP D 317 17.71 8.27 -3.46
C ASP D 317 18.93 8.52 -2.57
N LEU D 318 18.91 7.92 -1.38
CA LEU D 318 19.98 8.07 -0.41
C LEU D 318 21.34 7.57 -0.87
N PHE D 319 21.36 6.44 -1.57
CA PHE D 319 22.61 5.86 -2.02
C PHE D 319 22.91 5.99 -3.51
N HIS D 320 21.91 6.27 -4.33
CA HIS D 320 22.13 6.38 -5.77
C HIS D 320 21.92 7.77 -6.35
N HIS D 321 21.36 8.70 -5.57
CA HIS D 321 21.12 10.04 -6.09
C HIS D 321 21.52 11.16 -5.12
N ALA D 322 22.08 10.80 -3.97
CA ALA D 322 22.47 11.78 -2.97
C ALA D 322 23.61 12.71 -3.41
N ASP D 323 24.39 12.28 -4.39
CA ASP D 323 25.50 13.11 -4.87
C ASP D 323 25.26 13.66 -6.28
N SER D 324 24.05 13.48 -6.80
CA SER D 324 23.73 13.97 -8.15
C SER D 324 22.42 14.73 -8.22
N ASP D 325 21.64 14.69 -7.14
CA ASP D 325 20.36 15.40 -7.09
C ASP D 325 20.51 16.73 -6.33
N LYS D 326 20.35 17.83 -7.05
CA LYS D 326 20.47 19.16 -6.48
C LYS D 326 19.87 19.27 -5.07
N GLU D 327 18.66 18.75 -4.90
CA GLU D 327 17.98 18.80 -3.62
C GLU D 327 18.61 17.95 -2.54
N LEU D 328 18.84 16.67 -2.83
CA LEU D 328 19.44 15.76 -1.87
C LEU D 328 20.85 16.19 -1.46
N GLN D 329 21.49 17.01 -2.29
CA GLN D 329 22.85 17.49 -2.01
C GLN D 329 22.88 18.58 -0.95
N ALA D 330 21.79 19.34 -0.87
CA ALA D 330 21.70 20.44 0.09
C ALA D 330 21.31 20.00 1.50
N GLN D 331 20.97 18.71 1.65
CA GLN D 331 20.56 18.20 2.96
C GLN D 331 21.61 17.27 3.53
N ASP D 332 21.72 17.26 4.86
CA ASP D 332 22.67 16.38 5.55
C ASP D 332 21.90 15.47 6.51
N THR D 333 20.67 15.85 6.82
CA THR D 333 19.83 15.07 7.71
C THR D 333 18.60 14.57 6.94
N PHE D 334 18.40 13.25 6.93
CA PHE D 334 17.28 12.68 6.20
C PHE D 334 16.53 11.67 7.05
N ARG D 335 15.33 11.31 6.59
CA ARG D 335 14.52 10.32 7.28
C ARG D 335 14.29 9.21 6.25
N THR D 336 14.23 7.97 6.70
CA THR D 336 14.06 6.87 5.78
C THR D 336 13.54 5.63 6.47
N GLN D 337 13.13 4.64 5.69
CA GLN D 337 12.62 3.38 6.24
C GLN D 337 13.34 2.23 5.55
N PHE D 338 13.49 1.11 6.24
CA PHE D 338 14.15 -0.05 5.66
C PHE D 338 14.07 -1.23 6.58
N TYR D 339 14.57 -2.38 6.11
CA TYR D 339 14.63 -3.57 6.94
C TYR D 339 16.08 -4.06 6.98
N VAL D 340 16.53 -4.50 8.16
CA VAL D 340 17.90 -4.96 8.34
C VAL D 340 18.09 -6.39 7.86
N THR D 341 18.98 -6.57 6.89
CA THR D 341 19.25 -7.88 6.36
C THR D 341 20.32 -8.58 7.18
N LYS D 342 21.35 -7.83 7.55
CA LYS D 342 22.45 -8.36 8.33
C LYS D 342 23.07 -7.26 9.20
N ILE D 343 23.63 -7.66 10.35
CA ILE D 343 24.25 -6.71 11.27
C ILE D 343 25.70 -7.07 11.51
N GLU D 344 26.56 -6.06 11.53
CA GLU D 344 27.99 -6.27 11.74
C GLU D 344 28.48 -5.38 12.86
N PRO D 345 29.46 -5.86 13.65
CA PRO D 345 30.09 -7.18 13.53
C PRO D 345 29.15 -8.32 13.93
N SER D 346 29.41 -9.51 13.41
CA SER D 346 28.59 -10.68 13.70
C SER D 346 28.42 -10.92 15.19
N ASP D 347 29.53 -10.97 15.91
CA ASP D 347 29.49 -11.18 17.35
C ASP D 347 28.89 -9.98 18.06
N VAL D 348 27.70 -10.17 18.63
CA VAL D 348 27.01 -9.09 19.34
C VAL D 348 27.87 -8.49 20.42
N LYS D 349 28.80 -9.27 20.96
CA LYS D 349 29.65 -8.80 22.03
C LYS D 349 30.62 -7.72 21.58
N GLU D 350 30.91 -7.69 20.27
CA GLU D 350 31.81 -6.69 19.73
C GLU D 350 31.08 -5.40 19.28
N TRP D 351 29.76 -5.38 19.45
CA TRP D 351 28.99 -4.20 19.07
C TRP D 351 29.50 -2.97 19.82
N VAL D 352 29.97 -3.17 21.05
CA VAL D 352 30.49 -2.05 21.84
C VAL D 352 32.01 -2.16 21.93
N LYS D 353 32.70 -1.10 21.51
CA LYS D 353 34.16 -1.06 21.51
C LYS D 353 34.66 0.08 22.37
N GLY D 354 35.92 -0.03 22.78
CA GLY D 354 36.52 1.03 23.56
C GLY D 354 36.99 2.08 22.58
N TYR D 355 36.73 3.35 22.86
CA TYR D 355 37.10 4.41 21.95
C TYR D 355 38.09 5.42 22.51
N ASP D 356 39.16 5.66 21.75
CA ASP D 356 40.20 6.61 22.14
C ASP D 356 39.96 7.86 21.33
N ARG D 357 39.44 8.90 21.97
CA ARG D 357 39.13 10.15 21.28
C ARG D 357 40.33 10.98 20.83
N LYS D 358 41.53 10.59 21.26
CA LYS D 358 42.73 11.32 20.87
C LYS D 358 43.34 10.78 19.59
N THR D 359 43.24 9.47 19.40
CA THR D 359 43.80 8.83 18.21
C THR D 359 42.70 8.53 17.18
N LYS D 360 41.46 8.77 17.55
CA LYS D 360 40.31 8.51 16.67
C LYS D 360 40.23 7.03 16.35
N LYS D 361 40.72 6.19 17.26
CA LYS D 361 40.71 4.74 17.08
C LYS D 361 39.85 4.05 18.11
N SER D 362 39.37 2.86 17.77
CA SER D 362 38.54 2.07 18.68
C SER D 362 39.10 0.66 18.69
N SER D 363 38.81 -0.09 19.76
CA SER D 363 39.29 -1.46 19.86
C SER D 363 38.38 -2.34 20.68
N SER D 364 38.59 -3.65 20.59
CA SER D 364 37.80 -4.63 21.33
C SER D 364 37.99 -4.53 22.83
N LEU D 365 36.94 -4.85 23.58
CA LEU D 365 37.01 -4.81 25.04
C LEU D 365 37.18 -6.22 25.60
N LYS D 366 37.62 -7.15 24.76
CA LYS D 366 37.83 -8.52 25.20
C LYS D 366 39.11 -8.55 26.05
N GLY D 367 39.81 -7.41 26.02
CA GLY D 367 41.04 -7.26 26.80
C GLY D 367 40.87 -6.17 27.86
N ALA D 368 39.64 -6.02 28.34
CA ALA D 368 39.26 -5.05 29.37
C ALA D 368 39.23 -3.57 28.98
N SER D 369 38.72 -2.76 29.92
CA SER D 369 38.55 -1.32 29.78
C SER D 369 39.74 -0.45 29.34
N GLY D 370 40.90 -1.09 29.06
CA GLY D 370 42.05 -0.31 28.65
C GLY D 370 41.98 0.32 27.26
N LYS D 371 40.82 0.24 26.62
CA LYS D 371 40.67 0.76 25.27
C LYS D 371 40.01 2.15 25.21
N GLY D 372 39.58 2.69 26.35
CA GLY D 372 38.95 4.00 26.35
C GLY D 372 37.47 4.01 26.66
N ASP D 373 36.76 5.05 26.22
CA ASP D 373 35.34 5.19 26.47
C ASP D 373 34.54 4.17 25.66
N ASN D 374 33.48 3.64 26.27
CA ASN D 374 32.65 2.66 25.59
C ASN D 374 31.70 3.34 24.62
N ILE D 375 31.59 2.78 23.41
CA ILE D 375 30.70 3.33 22.41
C ILE D 375 30.13 2.18 21.55
N PHE D 376 29.09 2.50 20.78
CA PHE D 376 28.49 1.53 19.89
C PHE D 376 29.07 1.77 18.51
N GLN D 377 29.53 0.70 17.87
CA GLN D 377 30.04 0.80 16.51
C GLN D 377 29.37 -0.33 15.73
N VAL D 378 28.12 -0.10 15.34
CA VAL D 378 27.35 -1.11 14.62
C VAL D 378 27.09 -0.68 13.19
N GLN D 379 27.25 -1.62 12.27
CA GLN D 379 27.06 -1.34 10.85
C GLN D 379 25.94 -2.22 10.31
N PHE D 380 24.77 -1.60 10.10
CA PHE D 380 23.61 -2.30 9.59
C PHE D 380 23.66 -2.42 8.07
N LEU D 381 23.28 -3.57 7.57
CA LEU D 381 23.17 -3.79 6.12
C LEU D 381 21.66 -3.79 5.86
N VAL D 382 21.18 -2.75 5.17
CA VAL D 382 19.74 -2.61 4.95
C VAL D 382 19.30 -2.68 3.51
N LYS D 383 17.98 -2.72 3.35
CA LYS D 383 17.34 -2.79 2.04
C LYS D 383 15.92 -2.28 2.20
N ASP D 384 15.28 -1.86 1.11
CA ASP D 384 13.92 -1.35 1.22
C ASP D 384 13.10 -1.63 -0.02
N ALA D 385 11.94 -0.99 -0.13
CA ALA D 385 11.05 -1.16 -1.26
C ALA D 385 11.63 -0.65 -2.57
N SER D 386 12.21 0.55 -2.54
CA SER D 386 12.80 1.15 -3.73
C SER D 386 14.02 0.44 -4.26
N THR D 387 14.57 -0.49 -3.50
CA THR D 387 15.76 -1.23 -3.91
C THR D 387 15.56 -2.74 -3.75
N GLN D 388 14.30 -3.12 -3.54
CA GLN D 388 13.93 -4.51 -3.34
C GLN D 388 14.45 -5.51 -4.35
N LEU D 389 14.50 -5.13 -5.62
CA LEU D 389 14.92 -6.04 -6.69
C LEU D 389 16.39 -6.05 -7.04
N ASN D 390 17.11 -4.97 -6.82
CA ASN D 390 18.54 -4.93 -7.17
C ASN D 390 19.36 -5.87 -6.32
N ASN D 391 20.62 -6.06 -6.72
CA ASN D 391 21.53 -6.96 -6.03
C ASN D 391 22.37 -6.23 -4.98
N ASN D 392 21.85 -5.16 -4.42
CA ASN D 392 22.58 -4.39 -3.44
C ASN D 392 21.98 -4.44 -2.03
N THR D 393 22.85 -4.15 -1.04
CA THR D 393 22.46 -4.06 0.35
C THR D 393 23.23 -2.80 0.76
N TYR D 394 22.64 -1.95 1.57
CA TYR D 394 23.31 -0.71 1.94
C TYR D 394 23.70 -0.59 3.41
N ARG D 395 24.83 0.08 3.66
CA ARG D 395 25.36 0.24 5.00
C ARG D 395 24.83 1.48 5.71
N VAL D 396 24.25 1.25 6.88
CA VAL D 396 23.71 2.30 7.71
C VAL D 396 24.42 2.13 9.06
N LEU D 397 25.16 3.16 9.45
CA LEU D 397 25.95 3.09 10.67
C LEU D 397 25.29 3.62 11.97
N LEU D 398 25.72 3.03 13.08
CA LEU D 398 25.27 3.44 14.40
C LEU D 398 26.54 3.60 15.21
N TYR D 399 27.26 4.68 14.93
CA TYR D 399 28.51 5.01 15.62
C TYR D 399 28.18 6.15 16.59
N THR D 400 28.13 5.81 17.88
CA THR D 400 27.74 6.78 18.92
C THR D 400 28.86 7.53 19.64
N GLN D 401 30.10 7.42 19.16
CA GLN D 401 31.21 8.11 19.82
C GLN D 401 30.95 9.59 20.02
N ASP D 402 30.08 10.19 19.21
CA ASP D 402 29.79 11.61 19.31
C ASP D 402 28.40 11.88 19.85
N GLY D 403 27.73 10.82 20.28
CA GLY D 403 26.39 10.97 20.85
C GLY D 403 25.25 10.65 19.92
N LEU D 404 25.55 10.50 18.64
CA LEU D 404 24.50 10.19 17.67
C LEU D 404 23.99 8.75 17.77
N GLY D 405 22.73 8.59 18.12
CA GLY D 405 22.16 7.27 18.23
C GLY D 405 22.58 6.48 19.46
N ALA D 406 23.03 7.17 20.50
CA ALA D 406 23.50 6.53 21.72
C ALA D 406 22.41 5.76 22.45
N ASN D 407 21.15 6.15 22.27
CA ASN D 407 20.04 5.48 22.93
C ASN D 407 19.19 4.61 22.00
N PHE D 408 19.75 4.25 20.84
CA PHE D 408 18.99 3.44 19.87
C PHE D 408 18.45 2.14 20.50
N PHE D 409 19.30 1.45 21.23
CA PHE D 409 18.90 0.17 21.82
C PHE D 409 18.24 0.29 23.21
N ASN D 410 18.14 1.50 23.74
CA ASN D 410 17.59 1.69 25.08
C ASN D 410 18.54 1.03 26.07
N VAL D 411 19.75 0.72 25.60
CA VAL D 411 20.77 0.08 26.40
C VAL D 411 22.05 0.91 26.30
N LYS D 412 22.45 1.54 27.40
CA LYS D 412 23.66 2.34 27.40
C LYS D 412 24.86 1.44 27.10
N ALA D 413 25.77 1.95 26.27
CA ALA D 413 26.96 1.20 25.90
C ALA D 413 27.67 0.66 27.15
N ASP D 414 28.17 -0.57 27.05
CA ASP D 414 28.87 -1.17 28.17
C ASP D 414 29.62 -2.39 27.66
N ASN D 415 30.62 -2.83 28.41
CA ASN D 415 31.40 -4.01 28.05
C ASN D 415 30.45 -5.21 27.97
N LEU D 416 30.07 -5.59 26.76
CA LEU D 416 29.15 -6.71 26.55
C LEU D 416 29.79 -8.06 26.85
N HIS D 417 31.10 -8.05 27.06
CA HIS D 417 31.82 -9.30 27.39
C HIS D 417 31.66 -9.61 28.88
N LYS D 418 31.34 -8.57 29.65
CA LYS D 418 31.18 -8.74 31.10
C LYS D 418 29.77 -8.50 31.60
N ASN D 419 29.03 -7.62 30.93
CA ASN D 419 27.66 -7.33 31.35
C ASN D 419 26.67 -8.22 30.60
N ALA D 420 26.31 -9.35 31.21
CA ALA D 420 25.40 -10.30 30.60
C ALA D 420 24.04 -9.69 30.28
N ASP D 421 23.57 -8.81 31.16
CA ASP D 421 22.29 -8.15 30.97
C ASP D 421 22.25 -7.35 29.68
N ALA D 422 23.23 -6.48 29.51
CA ALA D 422 23.32 -5.64 28.32
C ALA D 422 23.48 -6.49 27.07
N ARG D 423 24.24 -7.56 27.17
CA ARG D 423 24.48 -8.43 26.03
C ARG D 423 23.22 -9.14 25.60
N LYS D 424 22.44 -9.62 26.58
CA LYS D 424 21.20 -10.32 26.28
C LYS D 424 20.14 -9.44 25.58
N LYS D 425 20.01 -8.19 26.04
CA LYS D 425 19.05 -7.28 25.44
C LYS D 425 19.39 -7.00 23.99
N LEU D 426 20.69 -6.84 23.71
CA LEU D 426 21.14 -6.55 22.36
C LEU D 426 20.96 -7.76 21.44
N GLU D 427 21.33 -8.94 21.94
CA GLU D 427 21.18 -10.15 21.13
C GLU D 427 19.70 -10.32 20.77
N ASP D 428 18.81 -10.05 21.71
CA ASP D 428 17.38 -10.15 21.46
C ASP D 428 16.96 -9.15 20.41
N SER D 429 17.44 -7.92 20.55
CA SER D 429 17.13 -6.88 19.59
C SER D 429 17.67 -7.24 18.22
N ALA D 430 18.81 -7.93 18.21
CA ALA D 430 19.42 -8.36 16.95
C ALA D 430 18.51 -9.36 16.19
N GLU D 431 17.90 -10.29 16.92
CA GLU D 431 17.00 -11.26 16.31
C GLU D 431 15.75 -10.58 15.73
N LEU D 432 15.29 -9.52 16.38
CA LEU D 432 14.12 -8.79 15.93
C LEU D 432 14.39 -7.98 14.68
N LEU D 433 15.56 -7.32 14.66
CA LEU D 433 15.96 -6.47 13.54
C LEU D 433 16.18 -7.22 12.25
N THR D 434 16.69 -8.45 12.35
CA THR D 434 16.94 -9.25 11.13
C THR D 434 15.76 -10.20 10.79
N LYS D 435 14.74 -10.22 11.64
CA LYS D 435 13.57 -11.06 11.42
C LYS D 435 12.69 -10.49 10.30
N PHE D 436 12.18 -11.36 9.43
CA PHE D 436 11.33 -10.93 8.34
C PHE D 436 10.21 -10.03 8.83
N ASN D 437 9.86 -9.06 7.99
CA ASN D 437 8.78 -8.12 8.30
C ASN D 437 9.09 -7.11 9.42
N SER D 438 10.35 -7.02 9.82
CA SER D 438 10.76 -6.05 10.80
C SER D 438 11.39 -4.89 10.03
N TYR D 439 10.94 -3.67 10.29
CA TYR D 439 11.50 -2.52 9.61
C TYR D 439 11.97 -1.45 10.58
N VAL D 440 12.74 -0.49 10.05
CA VAL D 440 13.25 0.60 10.85
C VAL D 440 12.82 1.94 10.31
N ASP D 441 12.34 2.79 11.19
CA ASP D 441 11.96 4.17 10.81
C ASP D 441 12.98 5.03 11.55
N ALA D 442 13.86 5.68 10.81
CA ALA D 442 14.89 6.50 11.47
C ALA D 442 15.39 7.70 10.69
N VAL D 443 16.02 8.61 11.44
CA VAL D 443 16.64 9.79 10.86
C VAL D 443 18.15 9.51 10.80
N VAL D 444 18.81 9.96 9.73
CA VAL D 444 20.23 9.73 9.56
C VAL D 444 20.96 11.00 9.17
N GLU D 445 22.19 11.14 9.62
CA GLU D 445 22.98 12.33 9.30
C GLU D 445 24.12 11.88 8.39
N ARG D 446 24.26 12.56 7.26
CA ARG D 446 25.29 12.25 6.30
C ARG D 446 26.65 12.77 6.77
N ARG D 447 27.64 11.88 6.81
CA ARG D 447 28.97 12.28 7.24
C ARG D 447 30.01 11.53 6.42
N ASN D 448 30.85 12.28 5.70
CA ASN D 448 31.90 11.73 4.84
C ASN D 448 31.43 10.53 4.03
N GLY D 449 30.34 10.72 3.30
CA GLY D 449 29.80 9.66 2.45
C GLY D 449 29.03 8.53 3.14
N PHE D 450 28.91 8.61 4.46
CA PHE D 450 28.20 7.59 5.20
C PHE D 450 26.98 8.15 5.94
N TYR D 451 26.02 7.27 6.23
CA TYR D 451 24.82 7.68 6.97
C TYR D 451 24.81 7.13 8.39
N LEU D 452 24.79 8.02 9.37
CA LEU D 452 24.80 7.62 10.77
C LEU D 452 23.42 7.83 11.37
N ILE D 453 22.92 6.83 12.09
CA ILE D 453 21.61 6.93 12.74
C ILE D 453 21.64 7.84 13.95
N LYS D 454 20.56 8.61 14.11
CA LYS D 454 20.45 9.52 15.27
C LYS D 454 18.97 9.75 15.59
N ASP D 455 18.70 10.32 16.76
CA ASP D 455 17.36 10.63 17.18
C ASP D 455 16.37 9.46 16.92
N THR D 456 16.79 8.22 17.19
CA THR D 456 15.97 7.01 16.96
C THR D 456 16.10 5.85 18.01
N LYS D 457 15.00 5.48 18.70
CA LYS D 457 14.94 4.41 19.77
C LYS D 457 13.88 3.21 19.52
N LEU D 458 13.82 2.12 20.34
CA LEU D 458 12.96 0.86 20.17
C LEU D 458 11.44 0.37 20.58
N ILE D 459 10.89 -0.67 19.89
CA ILE D 459 9.49 -1.27 20.13
C ILE D 459 8.93 -2.46 19.20
N GLN E 1 -5.22 -21.93 9.24
CA GLN E 1 -6.60 -21.66 8.75
C GLN E 1 -6.77 -21.17 7.27
N GLN E 2 -7.65 -21.83 6.44
CA GLN E 2 -7.84 -21.37 5.01
C GLN E 2 -9.03 -21.84 4.12
N GLN E 3 -9.63 -20.92 3.31
CA GLN E 3 -10.76 -21.22 2.40
C GLN E 3 -10.51 -21.14 0.89
N SER E 4 -9.46 -20.44 0.48
CA SER E 4 -9.13 -20.25 -0.94
C SER E 4 -8.13 -21.28 -1.48
N ALA E 5 -8.65 -22.39 -2.01
CA ALA E 5 -7.82 -23.46 -2.55
C ALA E 5 -6.58 -22.92 -3.27
N PHE E 6 -6.79 -21.94 -4.15
CA PHE E 6 -5.68 -21.36 -4.91
C PHE E 6 -4.69 -20.65 -3.97
N LYS E 7 -5.20 -19.96 -2.97
CA LYS E 7 -4.34 -19.25 -2.04
C LYS E 7 -3.51 -20.22 -1.18
N GLN E 8 -4.16 -21.30 -0.72
CA GLN E 8 -3.47 -22.28 0.11
C GLN E 8 -2.37 -23.00 -0.68
N LEU E 9 -2.72 -23.47 -1.88
CA LEU E 9 -1.76 -24.16 -2.72
C LEU E 9 -0.54 -23.30 -3.01
N TYR E 10 -0.78 -22.15 -3.62
CA TYR E 10 0.30 -21.23 -3.97
C TYR E 10 1.13 -20.81 -2.76
N THR E 11 0.50 -20.71 -1.60
CA THR E 11 1.20 -20.30 -0.40
C THR E 11 2.13 -21.42 0.07
N GLU E 12 1.62 -22.66 0.07
CA GLU E 12 2.44 -23.79 0.50
C GLU E 12 3.60 -24.01 -0.44
N LEU E 13 3.36 -23.85 -1.74
CA LEU E 13 4.43 -24.04 -2.72
C LEU E 13 5.57 -23.08 -2.39
N PHE E 14 5.24 -21.81 -2.20
CA PHE E 14 6.24 -20.80 -1.87
C PHE E 14 6.91 -21.09 -0.53
N ASN E 15 6.15 -21.57 0.45
CA ASN E 15 6.69 -21.87 1.76
C ASN E 15 7.39 -23.22 1.76
N ASN E 16 7.65 -23.76 0.58
CA ASN E 16 8.33 -25.05 0.45
C ASN E 16 9.32 -25.01 -0.72
N GLU E 17 10.05 -23.90 -0.82
CA GLU E 17 11.05 -23.69 -1.86
C GLU E 17 10.65 -24.21 -3.24
N GLY E 18 9.39 -24.00 -3.60
CA GLY E 18 8.91 -24.42 -4.90
C GLY E 18 8.88 -25.92 -5.14
N ASP E 19 9.18 -26.70 -4.10
CA ASP E 19 9.17 -28.15 -4.21
C ASP E 19 7.73 -28.65 -4.13
N PHE E 20 7.08 -28.78 -5.28
CA PHE E 20 5.69 -29.22 -5.34
C PHE E 20 5.45 -30.60 -4.72
N SER E 21 6.48 -31.44 -4.66
CA SER E 21 6.32 -32.76 -4.09
C SER E 21 6.19 -32.68 -2.57
N LYS E 22 6.64 -31.57 -1.99
CA LYS E 22 6.57 -31.38 -0.55
C LYS E 22 5.25 -30.76 -0.08
N VAL E 23 4.44 -30.28 -1.01
CA VAL E 23 3.17 -29.67 -0.66
C VAL E 23 2.19 -30.77 -0.25
N SER E 24 1.24 -30.42 0.62
CA SER E 24 0.25 -31.38 1.11
C SER E 24 -0.33 -32.25 0.01
N SER E 25 -0.53 -33.53 0.32
CA SER E 25 -1.06 -34.48 -0.65
C SER E 25 -2.58 -34.38 -0.72
N ASN E 26 -3.20 -34.01 0.39
CA ASN E 26 -4.66 -33.89 0.46
C ASN E 26 -5.16 -32.65 -0.28
N LEU E 27 -4.31 -32.09 -1.12
CA LEU E 27 -4.67 -30.90 -1.89
C LEU E 27 -4.52 -31.14 -3.39
N LYS E 28 -3.82 -32.21 -3.75
CA LYS E 28 -3.59 -32.54 -5.14
C LYS E 28 -4.79 -33.26 -5.77
N LYS E 29 -5.98 -32.83 -5.39
CA LYS E 29 -7.22 -33.42 -5.93
C LYS E 29 -7.75 -32.54 -7.04
N PRO E 30 -8.69 -33.05 -7.85
CA PRO E 30 -9.28 -32.29 -8.96
C PRO E 30 -9.71 -30.89 -8.53
N LEU E 31 -9.56 -29.93 -9.44
CA LEU E 31 -9.92 -28.55 -9.16
C LEU E 31 -11.06 -28.03 -10.02
N LYS E 32 -12.25 -27.92 -9.42
CA LYS E 32 -13.41 -27.41 -10.13
C LYS E 32 -13.40 -25.91 -9.98
N CYS E 33 -13.20 -25.19 -11.08
CA CYS E 33 -13.13 -23.75 -11.03
C CYS E 33 -13.89 -23.01 -12.15
N TYR E 34 -14.38 -21.82 -11.82
CA TYR E 34 -15.12 -20.97 -12.72
C TYR E 34 -14.17 -20.21 -13.65
N VAL E 35 -14.54 -20.09 -14.91
CA VAL E 35 -13.73 -19.37 -15.87
C VAL E 35 -14.13 -17.89 -15.93
N LYS E 36 -13.25 -17.02 -15.42
CA LYS E 36 -13.52 -15.59 -15.41
C LYS E 36 -13.32 -14.99 -16.79
N GLU E 37 -12.18 -15.29 -17.39
CA GLU E 37 -11.84 -14.78 -18.72
C GLU E 37 -11.18 -15.88 -19.52
N SER E 38 -11.16 -15.74 -20.84
CA SER E 38 -10.57 -16.75 -21.72
C SER E 38 -9.68 -16.13 -22.78
N TYR E 39 -9.80 -14.81 -22.97
CA TYR E 39 -8.99 -14.10 -23.96
C TYR E 39 -9.19 -12.61 -23.73
N PRO E 40 -8.13 -11.79 -23.95
CA PRO E 40 -6.74 -12.17 -24.26
C PRO E 40 -6.01 -12.91 -23.17
N HIS E 41 -6.69 -13.10 -22.03
CA HIS E 41 -6.08 -13.78 -20.89
C HIS E 41 -7.05 -14.79 -20.29
N PHE E 42 -6.62 -16.05 -20.22
CA PHE E 42 -7.46 -17.08 -19.63
C PHE E 42 -7.28 -17.03 -18.12
N LEU E 43 -8.35 -16.73 -17.40
CA LEU E 43 -8.29 -16.64 -15.94
C LEU E 43 -9.43 -17.38 -15.27
N VAL E 44 -9.09 -18.27 -14.34
CA VAL E 44 -10.08 -19.02 -13.60
C VAL E 44 -10.07 -18.62 -12.13
N THR E 45 -11.12 -18.97 -11.40
CA THR E 45 -11.19 -18.63 -9.99
C THR E 45 -11.61 -19.81 -9.15
N ASP E 46 -11.37 -19.72 -7.85
CA ASP E 46 -11.74 -20.77 -6.92
C ASP E 46 -12.83 -20.21 -6.01
N GLY E 47 -13.40 -19.08 -6.43
CA GLY E 47 -14.44 -18.46 -5.66
C GLY E 47 -13.96 -17.21 -4.92
N TYR E 48 -12.64 -17.04 -4.81
CA TYR E 48 -12.08 -15.89 -4.12
C TYR E 48 -11.00 -15.17 -4.94
N PHE E 49 -10.13 -15.95 -5.59
CA PHE E 49 -9.07 -15.35 -6.40
C PHE E 49 -9.06 -15.95 -7.80
N PHE E 50 -8.39 -15.28 -8.71
CA PHE E 50 -8.26 -15.79 -10.07
C PHE E 50 -6.78 -15.98 -10.43
N VAL E 51 -6.48 -17.08 -11.09
CA VAL E 51 -5.11 -17.38 -11.51
C VAL E 51 -5.09 -17.74 -12.98
N ALA E 52 -3.89 -17.75 -13.57
CA ALA E 52 -3.76 -18.07 -14.97
C ALA E 52 -3.21 -19.47 -15.16
N PRO E 53 -4.04 -20.41 -15.64
CA PRO E 53 -3.60 -21.79 -15.87
C PRO E 53 -2.78 -21.89 -17.15
N TYR E 54 -1.73 -22.70 -17.12
CA TYR E 54 -0.88 -22.88 -18.31
C TYR E 54 -1.08 -24.29 -18.88
N PHE E 55 -1.59 -24.35 -20.11
CA PHE E 55 -1.85 -25.62 -20.77
C PHE E 55 -0.67 -26.15 -21.58
N THR E 56 -0.39 -27.44 -21.42
CA THR E 56 0.68 -28.09 -22.16
C THR E 56 0.11 -28.45 -23.53
N LYS E 57 0.96 -28.50 -24.54
CA LYS E 57 0.50 -28.84 -25.89
C LYS E 57 -0.29 -30.15 -25.87
N GLU E 58 -0.06 -30.98 -24.86
CA GLU E 58 -0.76 -32.25 -24.73
C GLU E 58 -2.19 -32.00 -24.27
N ALA E 59 -2.32 -31.26 -23.17
CA ALA E 59 -3.62 -30.95 -22.59
C ALA E 59 -4.61 -30.38 -23.60
N VAL E 60 -4.15 -29.47 -24.45
CA VAL E 60 -5.01 -28.86 -25.46
C VAL E 60 -5.44 -29.84 -26.55
N ASN E 61 -4.54 -30.74 -26.93
CA ASN E 61 -4.86 -31.73 -27.95
C ASN E 61 -5.87 -32.74 -27.41
N GLU E 62 -5.71 -33.08 -26.12
CA GLU E 62 -6.60 -34.04 -25.47
C GLU E 62 -7.99 -33.43 -25.41
N PHE E 63 -8.04 -32.19 -24.95
CA PHE E 63 -9.29 -31.44 -24.81
C PHE E 63 -10.05 -31.46 -26.14
N HIS E 64 -9.42 -30.92 -27.18
CA HIS E 64 -10.00 -30.84 -28.52
C HIS E 64 -10.50 -32.20 -29.00
N ALA E 65 -9.78 -33.26 -28.62
CA ALA E 65 -10.13 -34.60 -29.03
C ALA E 65 -11.43 -35.05 -28.37
N LYS E 66 -11.46 -35.05 -27.03
CA LYS E 66 -12.63 -35.46 -26.28
C LYS E 66 -13.77 -34.45 -26.37
N PHE E 67 -13.47 -33.23 -26.81
CA PHE E 67 -14.48 -32.20 -26.93
C PHE E 67 -14.32 -31.36 -28.19
N PRO E 68 -14.70 -31.92 -29.34
CA PRO E 68 -14.60 -31.23 -30.64
C PRO E 68 -15.54 -30.03 -30.76
N ASN E 69 -16.72 -30.15 -30.17
CA ASN E 69 -17.71 -29.08 -30.22
C ASN E 69 -17.42 -27.96 -29.23
N VAL E 70 -16.27 -28.03 -28.56
CA VAL E 70 -15.93 -27.03 -27.56
C VAL E 70 -14.63 -26.28 -27.85
N ASN E 71 -14.71 -24.96 -27.83
CA ASN E 71 -13.53 -24.12 -28.04
C ASN E 71 -13.09 -23.54 -26.70
N ILE E 72 -11.82 -23.70 -26.37
CA ILE E 72 -11.28 -23.22 -25.10
C ILE E 72 -11.35 -21.70 -24.95
N VAL E 73 -11.03 -20.98 -26.02
CA VAL E 73 -11.04 -19.52 -26.00
C VAL E 73 -12.45 -18.95 -25.81
N ASP E 74 -13.45 -19.83 -25.86
CA ASP E 74 -14.84 -19.41 -25.68
C ASP E 74 -15.45 -20.01 -24.42
N LEU E 75 -14.60 -20.32 -23.44
CA LEU E 75 -15.05 -20.91 -22.19
C LEU E 75 -15.42 -19.88 -21.12
N THR E 76 -15.47 -18.61 -21.50
CA THR E 76 -15.81 -17.55 -20.56
C THR E 76 -17.13 -17.83 -19.87
N ASP E 77 -17.19 -17.60 -18.57
CA ASP E 77 -18.39 -17.80 -17.77
C ASP E 77 -18.77 -19.27 -17.66
N LYS E 78 -17.91 -20.13 -18.19
CA LYS E 78 -18.14 -21.58 -18.14
C LYS E 78 -17.24 -22.16 -17.07
N VAL E 79 -17.58 -23.35 -16.58
CA VAL E 79 -16.78 -24.02 -15.56
C VAL E 79 -15.99 -25.22 -16.11
N ILE E 80 -14.74 -25.37 -15.65
CA ILE E 80 -13.91 -26.47 -16.09
C ILE E 80 -13.44 -27.27 -14.88
N VAL E 81 -12.90 -28.45 -15.14
CA VAL E 81 -12.39 -29.31 -14.08
C VAL E 81 -11.03 -29.86 -14.46
N ILE E 82 -9.98 -29.38 -13.80
CA ILE E 82 -8.62 -29.82 -14.07
C ILE E 82 -8.34 -31.08 -13.25
N ASN E 83 -8.30 -32.23 -13.93
CA ASN E 83 -8.06 -33.51 -13.27
C ASN E 83 -6.57 -33.84 -13.12
N ASN E 84 -5.74 -33.24 -13.95
CA ASN E 84 -4.31 -33.51 -13.89
C ASN E 84 -3.53 -32.20 -14.02
N TRP E 85 -2.94 -31.75 -12.90
CA TRP E 85 -2.18 -30.51 -12.88
C TRP E 85 -1.00 -30.56 -11.95
N SER E 86 -0.15 -29.54 -12.02
CA SER E 86 1.02 -29.42 -11.16
C SER E 86 1.37 -27.94 -10.95
N LEU E 87 2.21 -27.67 -9.95
CA LEU E 87 2.62 -26.30 -9.67
C LEU E 87 4.14 -26.16 -9.76
N GLU E 88 4.60 -25.05 -10.32
CA GLU E 88 6.04 -24.81 -10.41
C GLU E 88 6.35 -23.31 -10.35
N LEU E 89 7.55 -22.99 -9.86
CA LEU E 89 8.00 -21.60 -9.73
C LEU E 89 8.84 -21.18 -10.92
N ARG E 90 8.60 -19.97 -11.41
CA ARG E 90 9.32 -19.45 -12.56
C ARG E 90 9.73 -18.01 -12.35
N ARG E 91 10.86 -17.63 -12.93
CA ARG E 91 11.35 -16.27 -12.81
C ARG E 91 10.78 -15.49 -14.00
N VAL E 92 10.00 -14.46 -13.71
CA VAL E 92 9.38 -13.67 -14.78
C VAL E 92 9.61 -12.18 -14.59
N ASN E 93 9.13 -11.40 -15.55
CA ASN E 93 9.24 -9.95 -15.50
C ASN E 93 7.89 -9.43 -15.02
N SER E 94 7.74 -9.28 -13.70
CA SER E 94 6.50 -8.81 -13.12
C SER E 94 5.95 -7.55 -13.75
N ALA E 95 6.80 -6.83 -14.48
CA ALA E 95 6.37 -5.61 -15.11
C ALA E 95 5.53 -5.92 -16.35
N GLU E 96 5.61 -7.18 -16.81
CA GLU E 96 4.87 -7.61 -17.99
C GLU E 96 3.78 -8.62 -17.63
N VAL E 97 4.12 -9.59 -16.78
CA VAL E 97 3.16 -10.62 -16.38
C VAL E 97 2.48 -10.16 -15.08
N PHE E 98 1.21 -9.74 -15.19
CA PHE E 98 0.49 -9.27 -14.03
C PHE E 98 0.05 -10.38 -13.08
N THR E 99 0.23 -11.63 -13.48
CA THR E 99 -0.13 -12.75 -12.64
C THR E 99 1.12 -13.22 -11.91
N SER E 100 1.94 -12.26 -11.46
CA SER E 100 3.15 -12.56 -10.72
C SER E 100 3.49 -11.42 -9.78
N TYR E 101 4.55 -11.59 -8.98
CA TYR E 101 4.98 -10.55 -8.06
C TYR E 101 6.45 -10.68 -7.71
N ALA E 102 7.17 -9.57 -7.79
CA ALA E 102 8.60 -9.57 -7.47
C ALA E 102 9.40 -10.48 -8.41
N ASN E 103 9.07 -10.40 -9.70
CA ASN E 103 9.73 -11.18 -10.71
C ASN E 103 9.67 -12.69 -10.46
N LEU E 104 8.74 -13.11 -9.63
CA LEU E 104 8.54 -14.51 -9.32
C LEU E 104 7.10 -14.87 -9.61
N GLU E 105 6.87 -16.11 -10.03
CA GLU E 105 5.53 -16.58 -10.33
C GLU E 105 5.31 -18.04 -9.99
N ALA E 106 4.11 -18.34 -9.52
CA ALA E 106 3.71 -19.71 -9.20
C ALA E 106 2.72 -20.10 -10.30
N ARG E 107 3.14 -20.99 -11.21
CA ARG E 107 2.29 -21.40 -12.32
C ARG E 107 1.53 -22.70 -12.10
N LEU E 108 0.30 -22.71 -12.60
CA LEU E 108 -0.58 -23.89 -12.51
C LEU E 108 -0.53 -24.58 -13.87
N ILE E 109 0.25 -25.65 -13.95
CA ILE E 109 0.41 -26.38 -15.20
C ILE E 109 -0.72 -27.39 -15.37
N VAL E 110 -1.58 -27.15 -16.36
CA VAL E 110 -2.71 -28.04 -16.60
C VAL E 110 -2.39 -29.09 -17.66
N HIS E 111 -2.54 -30.35 -17.28
CA HIS E 111 -2.28 -31.46 -18.18
C HIS E 111 -3.58 -32.03 -18.78
N SER E 112 -4.68 -31.88 -18.04
CA SER E 112 -5.97 -32.38 -18.49
C SER E 112 -7.13 -31.70 -17.78
N PHE E 113 -8.03 -31.10 -18.56
CA PHE E 113 -9.20 -30.43 -17.99
C PHE E 113 -10.46 -30.65 -18.82
N LYS E 114 -11.53 -31.02 -18.13
CA LYS E 114 -12.83 -31.29 -18.76
C LYS E 114 -13.79 -30.11 -18.55
N PRO E 115 -14.48 -29.69 -19.62
CA PRO E 115 -15.42 -28.57 -19.54
C PRO E 115 -16.83 -29.02 -19.16
N ASN E 116 -17.24 -28.73 -17.93
CA ASN E 116 -18.59 -29.07 -17.46
C ASN E 116 -19.55 -28.01 -17.96
N LEU E 117 -19.74 -27.99 -19.28
CA LEU E 117 -20.63 -27.04 -19.95
C LEU E 117 -21.99 -26.82 -19.28
N GLN E 118 -22.40 -25.56 -19.27
CA GLN E 118 -23.68 -25.14 -18.70
C GLN E 118 -23.93 -25.50 -17.22
N GLU E 119 -22.88 -25.52 -16.41
CA GLU E 119 -23.04 -25.81 -14.99
C GLU E 119 -22.98 -24.45 -14.27
N ARG E 120 -24.07 -24.08 -13.61
CA ARG E 120 -24.10 -22.82 -12.91
C ARG E 120 -23.43 -22.93 -11.55
N LEU E 121 -22.52 -22.01 -11.28
CA LEU E 121 -21.78 -22.00 -10.02
C LEU E 121 -22.34 -21.00 -9.01
N ASN E 122 -22.20 -21.33 -7.73
CA ASN E 122 -22.69 -20.50 -6.64
C ASN E 122 -22.16 -19.07 -6.69
N PRO E 123 -23.01 -18.09 -6.32
CA PRO E 123 -22.64 -16.67 -6.32
C PRO E 123 -21.56 -16.39 -5.26
N THR E 124 -20.43 -15.84 -5.70
CA THR E 124 -19.33 -15.54 -4.79
C THR E 124 -18.88 -14.09 -4.88
N ARG E 125 -17.86 -13.76 -4.10
CA ARG E 125 -17.32 -12.39 -4.10
C ARG E 125 -16.64 -12.16 -5.44
N TYR E 126 -16.41 -10.90 -5.78
CA TYR E 126 -15.74 -10.58 -7.04
C TYR E 126 -14.31 -11.11 -6.96
N PRO E 127 -13.91 -11.95 -7.92
CA PRO E 127 -12.56 -12.53 -7.95
C PRO E 127 -11.45 -11.48 -8.14
N VAL E 128 -10.39 -11.62 -7.35
CA VAL E 128 -9.27 -10.70 -7.43
C VAL E 128 -7.95 -11.43 -7.75
N ASN E 129 -7.00 -10.70 -8.32
CA ASN E 129 -5.70 -11.26 -8.65
C ASN E 129 -5.01 -11.76 -7.40
N LEU E 130 -4.71 -13.05 -7.35
CA LEU E 130 -4.07 -13.63 -6.18
C LEU E 130 -2.74 -12.94 -5.89
N PHE E 131 -1.99 -12.60 -6.96
CA PHE E 131 -0.71 -11.94 -6.78
C PHE E 131 -0.82 -10.47 -6.36
N ARG E 132 -2.02 -10.04 -6.01
CA ARG E 132 -2.24 -8.68 -5.59
C ARG E 132 -2.76 -8.70 -4.16
N ASP E 133 -2.93 -9.91 -3.63
CA ASP E 133 -3.42 -10.13 -2.27
C ASP E 133 -2.33 -9.70 -1.26
N ASP E 134 -2.77 -9.11 -0.16
CA ASP E 134 -1.82 -8.64 0.86
C ASP E 134 -1.00 -9.80 1.45
N GLU E 135 -1.67 -10.76 2.04
CA GLU E 135 -1.01 -11.91 2.63
C GLU E 135 -0.13 -12.69 1.66
N PHE E 136 -0.62 -12.94 0.45
CA PHE E 136 0.17 -13.70 -0.51
C PHE E 136 1.39 -12.90 -0.94
N LYS E 137 1.24 -11.58 -1.10
CA LYS E 137 2.36 -10.73 -1.49
C LYS E 137 3.40 -10.81 -0.37
N THR E 138 2.93 -10.79 0.88
CA THR E 138 3.80 -10.84 2.02
C THR E 138 4.48 -12.20 2.09
N THR E 139 3.73 -13.25 1.74
CA THR E 139 4.28 -14.59 1.75
C THR E 139 5.41 -14.69 0.75
N ILE E 140 5.29 -13.98 -0.35
CA ILE E 140 6.34 -13.98 -1.37
C ILE E 140 7.54 -13.15 -0.90
N GLN E 141 7.26 -12.04 -0.19
CA GLN E 141 8.34 -11.20 0.30
C GLN E 141 9.15 -11.95 1.32
N HIS E 142 8.47 -12.81 2.10
CA HIS E 142 9.15 -13.60 3.11
C HIS E 142 10.10 -14.54 2.39
N PHE E 143 9.63 -15.08 1.26
CA PHE E 143 10.40 -16.00 0.44
C PHE E 143 11.72 -15.33 0.02
N ARG E 144 11.61 -14.15 -0.60
CA ARG E 144 12.80 -13.44 -1.08
C ARG E 144 13.71 -13.06 0.09
N HIS E 145 13.11 -12.51 1.14
CA HIS E 145 13.86 -12.06 2.31
C HIS E 145 14.73 -13.21 2.82
N THR E 146 14.19 -14.41 2.77
CA THR E 146 14.91 -15.59 3.23
C THR E 146 16.08 -15.91 2.29
N ALA E 147 15.82 -15.87 0.99
CA ALA E 147 16.87 -16.14 0.00
C ALA E 147 17.97 -15.08 0.06
N LEU E 148 17.56 -13.82 0.29
CA LEU E 148 18.49 -12.71 0.36
C LEU E 148 19.36 -12.78 1.62
N GLN E 149 18.75 -13.18 2.73
CA GLN E 149 19.44 -13.24 4.02
C GLN E 149 20.53 -14.32 3.99
N ALA E 150 20.23 -15.43 3.30
CA ALA E 150 21.20 -16.52 3.21
C ALA E 150 22.37 -16.11 2.32
N ALA E 151 22.05 -15.53 1.17
CA ALA E 151 23.08 -15.09 0.24
C ALA E 151 23.98 -14.04 0.86
N ILE E 152 23.37 -13.03 1.49
CA ILE E 152 24.13 -11.97 2.14
C ILE E 152 25.07 -12.48 3.24
N ASN E 153 24.59 -13.42 4.04
CA ASN E 153 25.40 -13.97 5.10
C ASN E 153 26.51 -14.85 4.58
N LYS E 154 26.45 -15.19 3.30
CA LYS E 154 27.45 -16.02 2.68
C LYS E 154 28.43 -15.15 1.87
N THR E 155 27.92 -14.02 1.37
CA THR E 155 28.72 -13.11 0.56
C THR E 155 29.47 -12.10 1.42
N VAL E 156 28.79 -11.53 2.41
CA VAL E 156 29.40 -10.54 3.29
C VAL E 156 30.09 -11.21 4.47
N LYS E 157 31.39 -10.94 4.62
CA LYS E 157 32.19 -11.54 5.68
C LYS E 157 33.34 -10.62 6.11
N GLY E 158 34.07 -11.05 7.15
CA GLY E 158 35.20 -10.26 7.63
C GLY E 158 34.89 -8.98 8.39
N ASP E 159 33.60 -8.72 8.64
CA ASP E 159 33.20 -7.52 9.37
C ASP E 159 33.92 -6.27 8.89
N ASN E 160 33.87 -6.01 7.59
CA ASN E 160 34.52 -4.84 7.04
C ASN E 160 33.74 -3.58 7.45
N LEU E 161 33.84 -3.25 8.74
CA LEU E 161 33.16 -2.09 9.30
C LEU E 161 33.87 -0.78 8.92
N VAL E 162 33.09 0.25 8.61
CA VAL E 162 33.67 1.54 8.28
C VAL E 162 34.54 1.96 9.47
N ASP E 163 35.79 2.35 9.20
CA ASP E 163 36.68 2.76 10.27
C ASP E 163 36.10 4.00 10.96
N ILE E 164 36.07 3.97 12.29
CA ILE E 164 35.52 5.05 13.07
C ILE E 164 36.10 6.42 12.76
N SER E 165 37.35 6.47 12.33
CA SER E 165 37.98 7.75 12.01
C SER E 165 37.30 8.44 10.81
N LYS E 166 36.76 7.64 9.89
CA LYS E 166 36.11 8.19 8.70
C LYS E 166 34.83 8.93 9.05
N VAL E 167 34.20 8.57 10.17
CA VAL E 167 32.97 9.22 10.60
C VAL E 167 33.20 10.27 11.67
N ALA E 168 34.17 10.00 12.54
CA ALA E 168 34.52 10.94 13.60
C ALA E 168 35.66 11.80 13.08
N ASP E 169 35.65 13.08 13.43
CA ASP E 169 36.68 13.99 12.96
C ASP E 169 36.69 13.97 11.43
N ALA E 170 35.59 14.42 10.84
CA ALA E 170 35.45 14.45 9.39
C ALA E 170 35.03 15.84 8.90
N ALA E 171 35.54 16.87 9.57
CA ALA E 171 35.23 18.25 9.21
C ALA E 171 35.75 18.56 7.81
N GLY E 172 36.98 18.14 7.53
CA GLY E 172 37.57 18.38 6.22
C GLY E 172 37.53 17.11 5.38
N LYS E 173 36.57 16.25 5.67
CA LYS E 173 36.41 15.01 4.94
C LYS E 173 35.10 14.95 4.16
N LYS E 174 35.20 14.68 2.87
CA LYS E 174 34.04 14.56 2.01
C LYS E 174 34.02 13.17 1.40
N GLY E 175 32.83 12.60 1.26
CA GLY E 175 32.72 11.26 0.68
C GLY E 175 31.46 11.06 -0.15
N LYS E 176 31.49 10.02 -0.98
CA LYS E 176 30.35 9.67 -1.81
C LYS E 176 29.54 8.57 -1.14
N VAL E 177 28.23 8.72 -1.16
CA VAL E 177 27.33 7.76 -0.52
C VAL E 177 27.37 6.37 -1.10
N ASP E 178 27.78 6.24 -2.36
CA ASP E 178 27.83 4.90 -2.98
C ASP E 178 28.89 4.02 -2.30
N ALA E 179 29.68 4.65 -1.43
CA ALA E 179 30.70 3.93 -0.69
C ALA E 179 30.01 2.98 0.29
N GLY E 180 28.72 3.21 0.51
CA GLY E 180 27.96 2.37 1.43
C GLY E 180 27.25 1.24 0.74
N ILE E 181 27.37 1.18 -0.59
CA ILE E 181 26.72 0.13 -1.36
C ILE E 181 27.49 -1.17 -1.26
N VAL E 182 26.79 -2.25 -0.93
CA VAL E 182 27.42 -3.56 -0.79
C VAL E 182 26.65 -4.62 -1.56
N LYS E 183 27.36 -5.36 -2.42
CA LYS E 183 26.73 -6.42 -3.21
C LYS E 183 26.13 -7.47 -2.29
N ALA E 184 24.92 -7.92 -2.61
CA ALA E 184 24.23 -8.92 -1.80
C ALA E 184 24.59 -10.36 -2.15
N SER E 185 25.15 -10.56 -3.33
CA SER E 185 25.51 -11.91 -3.77
C SER E 185 26.42 -11.90 -4.99
N ALA E 186 26.75 -13.09 -5.48
CA ALA E 186 27.61 -13.23 -6.64
C ALA E 186 26.79 -13.16 -7.93
N SER E 187 25.60 -12.59 -7.83
CA SER E 187 24.70 -12.46 -8.98
C SER E 187 25.44 -11.86 -10.17
N LYS E 188 25.05 -12.33 -11.36
CA LYS E 188 25.67 -11.87 -12.60
C LYS E 188 25.31 -10.45 -12.99
N GLY E 189 24.04 -10.12 -12.89
CA GLY E 189 23.61 -8.77 -13.27
C GLY E 189 23.34 -7.81 -12.14
N ASP E 190 22.48 -6.83 -12.39
CA ASP E 190 22.13 -5.84 -11.40
C ASP E 190 20.89 -6.25 -10.60
N GLU E 191 20.40 -7.46 -10.84
CA GLU E 191 19.23 -7.96 -10.16
C GLU E 191 19.57 -9.18 -9.31
N PHE E 192 19.02 -9.23 -8.10
CA PHE E 192 19.26 -10.34 -7.20
C PHE E 192 18.61 -11.58 -7.78
N SER E 193 19.36 -12.67 -7.85
CA SER E 193 18.85 -13.92 -8.42
C SER E 193 19.42 -15.16 -7.78
N ASP E 194 20.11 -14.98 -6.65
CA ASP E 194 20.69 -16.13 -5.98
C ASP E 194 19.67 -16.93 -5.16
N PHE E 195 18.81 -17.68 -5.84
CA PHE E 195 17.80 -18.49 -5.16
C PHE E 195 18.25 -19.94 -5.11
N SER E 196 17.54 -20.75 -4.31
CA SER E 196 17.90 -22.16 -4.16
C SER E 196 16.91 -23.10 -4.84
N PHE E 197 15.66 -22.67 -5.00
CA PHE E 197 14.64 -23.49 -5.64
C PHE E 197 15.04 -23.67 -7.09
N LYS E 198 14.68 -24.80 -7.69
CA LYS E 198 15.00 -24.99 -9.10
C LYS E 198 13.82 -24.57 -9.95
N GLU E 199 14.04 -23.55 -10.78
CA GLU E 199 13.01 -23.02 -11.65
C GLU E 199 12.37 -24.12 -12.49
N GLY E 200 11.04 -24.25 -12.36
CA GLY E 200 10.32 -25.24 -13.13
C GLY E 200 10.54 -25.06 -14.62
N ASN E 201 10.42 -26.13 -15.38
CA ASN E 201 10.61 -26.06 -16.82
C ASN E 201 9.63 -27.00 -17.51
N THR E 202 8.66 -26.40 -18.21
CA THR E 202 7.66 -27.17 -18.93
C THR E 202 7.09 -26.36 -20.08
N ALA E 203 7.24 -26.87 -21.30
CA ALA E 203 6.75 -26.17 -22.48
C ALA E 203 5.26 -25.91 -22.33
N THR E 204 4.85 -24.65 -22.48
CA THR E 204 3.46 -24.28 -22.36
C THR E 204 3.05 -23.48 -23.58
N LEU E 205 1.77 -23.50 -23.91
CA LEU E 205 1.25 -22.77 -25.07
C LEU E 205 0.80 -21.35 -24.76
N LYS E 206 1.00 -20.46 -25.72
CA LYS E 206 0.58 -19.08 -25.56
C LYS E 206 -0.91 -19.07 -25.92
N ILE E 207 -1.69 -18.30 -25.17
CA ILE E 207 -3.13 -18.22 -25.39
C ILE E 207 -3.45 -17.75 -26.81
N ALA E 208 -2.49 -17.12 -27.47
CA ALA E 208 -2.69 -16.62 -28.83
C ALA E 208 -2.63 -17.76 -29.86
N ASP E 209 -1.75 -18.72 -29.61
CA ASP E 209 -1.59 -19.85 -30.53
C ASP E 209 -2.85 -20.72 -30.55
N ILE E 210 -3.53 -20.79 -29.42
CA ILE E 210 -4.75 -21.59 -29.33
C ILE E 210 -5.92 -20.84 -29.96
N PHE E 211 -5.75 -19.54 -30.13
CA PHE E 211 -6.77 -18.71 -30.73
C PHE E 211 -6.73 -18.92 -32.24
N VAL E 212 -5.52 -19.06 -32.78
CA VAL E 212 -5.33 -19.26 -34.20
C VAL E 212 -5.68 -20.70 -34.57
N GLN E 213 -5.44 -21.62 -33.64
CA GLN E 213 -5.72 -23.03 -33.85
C GLN E 213 -7.23 -23.30 -33.83
N GLU E 214 -8.01 -22.28 -33.50
CA GLU E 214 -9.46 -22.45 -33.43
C GLU E 214 -10.21 -21.43 -34.28
N LYS E 215 -9.46 -20.54 -34.92
CA LYS E 215 -10.04 -19.50 -35.77
C LYS E 215 -8.95 -18.60 -36.36
N GLY E 216 -7.87 -19.22 -36.83
CA GLY E 216 -6.76 -18.50 -37.40
C GLY E 216 -7.12 -17.51 -38.48
NA NA F . -29.28 17.16 -34.58
NA NA G . -26.30 19.16 -35.46
NA NA H . -23.34 21.93 -36.59
NA NA I . -20.60 24.34 -38.07
CL CL J . 29.90 13.93 2.68
#